data_8A4U
#
_entry.id   8A4U
#
_cell.length_a   57.000
_cell.length_b   62.870
_cell.length_c   65.180
_cell.angle_alpha   104.044
_cell.angle_beta   95.826
_cell.angle_gamma   116.051
#
_symmetry.space_group_name_H-M   'P 1'
#
loop_
_entity.id
_entity.type
_entity.pdbx_description
1 polymer 'Cathepsin L'
2 non-polymer (2S,3S)-N3-[2-(4-hydroxyphenyl)ethyl]-N2-[(2S)-1-oxidanylidene-3-phenyl-1-[(phenylmethyl)amino]propan-2-yl]oxirane-2,3-dicarboxamide
3 non-polymer 'SODIUM ION'
4 non-polymer DI(HYDROXYETHYL)ETHER
5 non-polymer 'TRIETHYLENE GLYCOL'
6 non-polymer 1,2-ETHANEDIOL
7 non-polymer 'TETRAETHYLENE GLYCOL'
8 water water
#
_entity_poly.entity_id   1
_entity_poly.type   'polypeptide(L)'
_entity_poly.pdbx_seq_one_letter_code
;APRSVDWREKGYVTPVKNQGQCGS(CSD)WAFSATGALEGQMFRKTGRLISLSEQNLVDCSGPQGNEGCNGGLMDYAFQY
VQDNGGLDSEESYPYEATEESCKYNPKYSVANDAGFVDIPKQEKALMKAVATVGPISVAIDAGHESFLFYKEGIYFEPDC
SSEDMDHGVLVVGYGFESTESDNNKYWLVKNSWGEEWGMGGYVKMAKDRRNHCGIASAASYPTV
;
_entity_poly.pdbx_strand_id   A,B,C,D
#
# COMPACT_ATOMS: atom_id res chain seq x y z
N ALA A 1 -5.24 17.06 -13.86
CA ALA A 1 -4.63 16.98 -12.53
C ALA A 1 -4.06 15.59 -12.30
N PRO A 2 -3.01 15.47 -11.49
CA PRO A 2 -2.45 14.15 -11.20
C PRO A 2 -3.36 13.37 -10.26
N ARG A 3 -3.47 12.06 -10.51
CA ARG A 3 -4.28 11.19 -9.66
C ARG A 3 -3.55 10.79 -8.39
N SER A 4 -2.20 10.85 -8.38
CA SER A 4 -1.43 10.60 -7.18
C SER A 4 -0.37 11.68 -7.02
N VAL A 5 -0.14 12.10 -5.78
CA VAL A 5 0.81 13.15 -5.42
C VAL A 5 1.43 12.76 -4.09
N ASP A 6 2.76 12.85 -4.00
CA ASP A 6 3.44 12.66 -2.71
C ASP A 6 4.64 13.61 -2.65
N TRP A 7 4.46 14.75 -1.98
CA TRP A 7 5.51 15.76 -1.93
C TRP A 7 6.75 15.30 -1.20
N ARG A 8 6.67 14.20 -0.45
CA ARG A 8 7.86 13.63 0.19
C ARG A 8 8.87 13.16 -0.82
N GLU A 9 8.42 12.65 -1.96
CA GLU A 9 9.32 12.18 -3.02
C GLU A 9 9.99 13.32 -3.78
N LYS A 10 9.54 14.57 -3.57
CA LYS A 10 10.20 15.73 -4.16
C LYS A 10 11.17 16.44 -3.21
N GLY A 11 11.21 16.04 -1.94
CA GLY A 11 12.13 16.62 -0.99
C GLY A 11 11.57 17.71 -0.11
N TYR A 12 10.26 17.90 -0.10
CA TYR A 12 9.63 19.06 0.55
C TYR A 12 9.35 18.87 2.04
N VAL A 13 9.50 17.67 2.57
CA VAL A 13 8.90 17.30 3.86
C VAL A 13 9.99 16.82 4.81
N THR A 14 10.02 17.41 6.01
CA THR A 14 10.96 16.99 7.05
C THR A 14 10.44 15.71 7.72
N PRO A 15 11.24 15.07 8.57
CA PRO A 15 10.76 13.88 9.29
C PRO A 15 9.66 14.27 10.26
N VAL A 16 8.91 13.25 10.69
CA VAL A 16 7.82 13.44 11.66
C VAL A 16 8.39 13.92 12.99
N LYS A 17 7.69 14.85 13.60
CA LYS A 17 8.02 15.41 14.89
C LYS A 17 6.96 15.08 15.93
N ASN A 18 7.24 15.49 17.17
CA ASN A 18 6.43 15.09 18.31
C ASN A 18 6.18 16.31 19.19
N GLN A 19 4.94 16.80 19.18
CA GLN A 19 4.58 17.95 19.99
C GLN A 19 4.54 17.67 21.50
N GLY A 20 4.60 16.41 21.91
CA GLY A 20 4.44 16.10 23.30
C GLY A 20 3.08 16.53 23.84
N GLN A 21 3.08 16.92 25.12
CA GLN A 21 1.83 17.27 25.80
C GLN A 21 1.53 18.77 25.77
N CYS A 22 2.07 19.50 24.81
CA CYS A 22 1.75 20.90 24.59
C CYS A 22 0.77 21.01 23.42
N GLY A 23 -0.25 21.82 23.60
CA GLY A 23 -1.26 22.02 22.57
C GLY A 23 -0.78 22.85 21.38
N SER A 24 0.28 22.38 20.75
CA SER A 24 0.99 23.18 19.75
C SER A 24 0.87 22.62 18.34
N TRP A 26 -0.83 23.31 15.90
CA TRP A 26 -0.95 24.37 14.96
C TRP A 26 0.42 24.91 14.50
N ALA A 27 1.41 24.82 15.38
CA ALA A 27 2.74 25.31 15.03
C ALA A 27 3.50 24.25 14.23
N PHE A 28 3.27 22.95 14.52
CA PHE A 28 3.87 21.90 13.71
C PHE A 28 3.27 21.90 12.32
N SER A 29 1.95 22.06 12.20
CA SER A 29 1.35 22.16 10.89
C SER A 29 1.92 23.36 10.13
N ALA A 30 2.10 24.48 10.83
CA ALA A 30 2.60 25.70 10.19
C ALA A 30 4.03 25.54 9.71
N THR A 31 4.93 25.02 10.56
CA THR A 31 6.30 24.82 10.10
C THR A 31 6.34 23.83 8.94
N GLY A 32 5.53 22.79 8.99
CA GLY A 32 5.48 21.86 7.87
C GLY A 32 5.21 22.56 6.57
N ALA A 33 4.17 23.42 6.57
CA ALA A 33 3.78 24.10 5.34
C ALA A 33 4.86 25.07 4.90
N LEU A 34 5.52 25.76 5.86
CA LEU A 34 6.58 26.72 5.51
C LEU A 34 7.88 26.01 5.10
N GLU A 35 8.19 24.85 5.71
CA GLU A 35 9.31 24.04 5.23
C GLU A 35 9.14 23.71 3.76
N GLY A 36 7.94 23.31 3.36
CA GLY A 36 7.71 22.99 1.97
C GLY A 36 7.90 24.18 1.04
N GLN A 37 7.33 25.31 1.41
CA GLN A 37 7.40 26.45 0.53
C GLN A 37 8.79 27.07 0.50
N MET A 38 9.56 26.98 1.59
CA MET A 38 10.94 27.44 1.54
C MET A 38 11.80 26.56 0.65
N PHE A 39 11.54 25.25 0.65
CA PHE A 39 12.25 24.34 -0.24
C PHE A 39 11.88 24.60 -1.70
N ARG A 40 10.60 24.88 -1.96
CA ARG A 40 10.17 25.17 -3.32
C ARG A 40 10.88 26.41 -3.85
N LYS A 41 11.16 27.37 -2.97
CA LYS A 41 11.79 28.61 -3.39
C LYS A 41 13.31 28.48 -3.50
N THR A 42 13.94 27.82 -2.54
CA THR A 42 15.40 27.81 -2.44
C THR A 42 16.01 26.44 -2.70
N GLY A 43 15.21 25.38 -2.76
CA GLY A 43 15.76 24.07 -2.98
C GLY A 43 16.52 23.54 -1.79
N ARG A 44 16.28 24.08 -0.61
CA ARG A 44 16.98 23.72 0.61
C ARG A 44 15.95 23.38 1.67
N LEU A 45 16.03 22.18 2.23
CA LEU A 45 15.09 21.71 3.26
C LEU A 45 15.72 21.93 4.63
N ILE A 46 15.10 22.80 5.43
CA ILE A 46 15.61 23.13 6.76
C ILE A 46 14.46 23.10 7.76
N SER A 47 14.59 22.25 8.78
CA SER A 47 13.56 22.14 9.80
C SER A 47 13.41 23.46 10.54
N LEU A 48 12.15 23.84 10.82
CA LEU A 48 11.81 25.12 11.41
C LEU A 48 11.34 24.99 12.85
N SER A 49 11.52 26.07 13.64
CA SER A 49 11.32 26.02 15.09
C SER A 49 9.87 26.26 15.47
N GLU A 50 9.22 25.21 15.99
CA GLU A 50 7.89 25.34 16.57
C GLU A 50 7.92 26.12 17.89
N GLN A 51 8.98 25.96 18.69
CA GLN A 51 9.10 26.71 19.93
C GLN A 51 9.07 28.21 19.70
N ASN A 52 9.72 28.66 18.64
CA ASN A 52 9.67 30.05 18.20
C ASN A 52 8.23 30.51 18.06
N LEU A 53 7.39 29.68 17.39
CA LEU A 53 6.00 30.06 17.20
C LEU A 53 5.23 30.05 18.51
N VAL A 54 5.43 28.99 19.30
CA VAL A 54 4.71 28.84 20.56
C VAL A 54 5.00 30.03 21.48
N ASP A 55 6.26 30.48 21.51
CA ASP A 55 6.67 31.48 22.49
C ASP A 55 6.35 32.91 22.03
N CYS A 56 6.31 33.13 20.69
CA CYS A 56 6.41 34.48 20.14
C CYS A 56 5.18 34.97 19.39
N SER A 57 4.27 34.09 18.99
CA SER A 57 3.19 34.48 18.09
C SER A 57 1.89 34.79 18.80
N GLY A 58 1.94 35.02 20.14
CA GLY A 58 0.78 35.50 20.84
C GLY A 58 0.16 36.76 20.29
N PRO A 59 0.96 37.76 19.88
CA PRO A 59 0.37 38.99 19.33
C PRO A 59 -0.45 38.74 18.07
N GLN A 60 -0.22 37.67 17.38
CA GLN A 60 -1.01 37.36 16.19
C GLN A 60 -2.27 36.58 16.54
N GLY A 61 -2.45 36.22 17.81
CA GLY A 61 -3.65 35.55 18.25
C GLY A 61 -3.48 34.12 18.67
N ASN A 62 -2.27 33.62 18.73
CA ASN A 62 -2.00 32.26 19.19
C ASN A 62 -1.84 32.24 20.70
N GLU A 63 -2.09 31.06 21.29
CA GLU A 63 -2.14 30.90 22.75
C GLU A 63 -1.21 29.78 23.22
N GLY A 64 -0.05 29.68 22.58
CA GLY A 64 0.98 28.79 23.07
C GLY A 64 0.52 27.36 23.12
N CYS A 65 0.74 26.73 24.27
CA CYS A 65 0.33 25.34 24.46
C CYS A 65 -1.15 25.19 24.69
N ASN A 66 -1.91 26.27 24.66
CA ASN A 66 -3.36 26.19 24.82
C ASN A 66 -4.09 26.30 23.48
N GLY A 67 -3.38 26.25 22.37
CA GLY A 67 -4.00 26.25 21.06
C GLY A 67 -3.60 27.44 20.20
N GLY A 68 -3.95 27.35 18.92
CA GLY A 68 -3.59 28.39 17.99
C GLY A 68 -4.04 28.02 16.60
N LEU A 69 -3.62 28.84 15.64
CA LEU A 69 -4.03 28.69 14.25
C LEU A 69 -2.81 28.81 13.34
N MET A 70 -2.83 28.03 12.26
CA MET A 70 -1.71 28.07 11.31
C MET A 70 -1.59 29.44 10.65
N ASP A 71 -2.73 30.04 10.25
CA ASP A 71 -2.70 31.36 9.63
C ASP A 71 -2.06 32.40 10.56
N TYR A 72 -2.36 32.33 11.84
CA TYR A 72 -1.72 33.25 12.78
C TYR A 72 -0.22 33.04 12.81
N ALA A 73 0.22 31.79 12.76
CA ALA A 73 1.64 31.48 12.66
C ALA A 73 2.27 32.06 11.38
N PHE A 74 1.59 31.93 10.25
CA PHE A 74 2.14 32.50 9.01
C PHE A 74 2.20 34.01 9.13
N GLN A 75 1.20 34.60 9.82
CA GLN A 75 1.19 36.03 10.00
C GLN A 75 2.37 36.48 10.84
N TYR A 76 2.69 35.69 11.87
CA TYR A 76 3.84 36.04 12.71
C TYR A 76 5.11 36.13 11.88
N VAL A 77 5.38 35.12 11.07
CA VAL A 77 6.63 35.12 10.29
C VAL A 77 6.71 36.35 9.39
N GLN A 78 5.59 36.71 8.74
CA GLN A 78 5.57 37.95 7.97
C GLN A 78 5.84 39.16 8.86
N ASP A 79 5.07 39.28 9.94
CA ASP A 79 5.20 40.43 10.82
C ASP A 79 6.60 40.48 11.45
N ASN A 80 7.13 39.31 11.81
CA ASN A 80 8.41 39.23 12.50
C ASN A 80 9.58 39.42 11.53
N GLY A 81 9.37 39.13 10.26
CA GLY A 81 10.48 39.14 9.31
C GLY A 81 11.41 37.96 9.37
N GLY A 82 11.04 36.87 10.04
CA GLY A 82 11.90 35.72 10.13
C GLY A 82 11.31 34.68 11.05
N LEU A 83 11.93 33.52 11.02
CA LEU A 83 11.60 32.39 11.89
C LEU A 83 12.87 31.55 12.05
N ASP A 84 13.21 31.27 13.31
CA ASP A 84 14.46 30.53 13.59
C ASP A 84 14.36 29.06 13.18
N SER A 85 15.53 28.47 12.92
CA SER A 85 15.58 27.05 12.64
C SER A 85 15.29 26.24 13.90
N GLU A 86 14.78 25.04 13.68
CA GLU A 86 14.61 24.04 14.73
C GLU A 86 15.91 23.84 15.52
N GLU A 87 17.05 23.72 14.83
CA GLU A 87 18.30 23.45 15.53
C GLU A 87 18.72 24.63 16.41
N SER A 88 18.45 25.87 16.00
CA SER A 88 18.85 27.03 16.79
C SER A 88 17.89 27.29 17.96
N TYR A 89 16.65 26.80 17.88
CA TYR A 89 15.57 27.15 18.82
C TYR A 89 14.75 25.89 19.03
N PRO A 90 15.29 24.92 19.77
CA PRO A 90 14.69 23.58 19.80
C PRO A 90 13.42 23.55 20.63
N TYR A 91 12.67 22.46 20.45
CA TYR A 91 11.31 22.32 20.97
C TYR A 91 11.33 21.78 22.39
N GLU A 92 10.65 22.48 23.29
CA GLU A 92 10.62 22.10 24.70
C GLU A 92 9.26 21.64 25.18
N ALA A 93 8.22 21.75 24.35
CA ALA A 93 6.88 21.30 24.72
C ALA A 93 6.31 22.07 25.92
N THR A 94 6.78 23.29 26.13
CA THR A 94 6.21 24.18 27.12
C THR A 94 6.30 25.61 26.58
N GLU A 95 5.46 26.48 27.11
CA GLU A 95 5.36 27.86 26.63
C GLU A 95 6.24 28.77 27.48
N GLU A 96 7.06 29.60 26.81
CA GLU A 96 7.97 30.49 27.52
C GLU A 96 8.02 31.85 26.83
N SER A 97 8.84 32.74 27.36
CA SER A 97 9.07 34.03 26.73
C SER A 97 9.75 33.84 25.38
N CYS A 98 9.64 34.86 24.55
CA CYS A 98 10.18 34.81 23.19
C CYS A 98 11.71 34.95 23.22
N LYS A 99 12.39 34.01 22.54
CA LYS A 99 13.84 34.01 22.43
C LYS A 99 14.29 34.14 20.97
N TYR A 100 13.44 34.64 20.09
CA TYR A 100 13.76 34.76 18.68
C TYR A 100 15.03 35.57 18.49
N ASN A 101 15.88 35.09 17.59
CA ASN A 101 17.12 35.78 17.23
C ASN A 101 17.19 35.89 15.71
N PRO A 102 17.12 37.09 15.14
CA PRO A 102 17.06 37.20 13.68
C PRO A 102 18.28 36.66 12.99
N LYS A 103 19.42 36.55 13.69
CA LYS A 103 20.62 35.98 13.08
C LYS A 103 20.42 34.53 12.68
N TYR A 104 19.49 33.82 13.32
CA TYR A 104 19.28 32.42 13.03
C TYR A 104 18.01 32.17 12.25
N SER A 105 17.37 33.24 11.75
CA SER A 105 16.23 33.06 10.89
C SER A 105 16.63 32.38 9.59
N VAL A 106 15.82 31.40 9.16
CA VAL A 106 16.08 30.70 7.93
C VAL A 106 14.84 30.66 7.04
N ALA A 107 13.81 31.42 7.40
CA ALA A 107 12.57 31.36 6.66
C ALA A 107 11.86 32.70 6.74
N ASN A 108 10.97 32.94 5.78
CA ASN A 108 10.19 34.17 5.68
C ASN A 108 8.93 33.87 4.89
N ASP A 109 7.90 34.70 5.09
CA ASP A 109 6.75 34.66 4.19
C ASP A 109 6.15 36.04 4.08
N ALA A 110 5.23 36.16 3.12
CA ALA A 110 4.61 37.44 2.75
C ALA A 110 3.10 37.35 2.93
N GLY A 111 2.67 36.58 3.92
CA GLY A 111 1.28 36.31 4.14
C GLY A 111 0.93 34.86 3.88
N PHE A 112 -0.34 34.64 3.60
CA PHE A 112 -0.82 33.27 3.44
C PHE A 112 -2.04 33.28 2.54
N VAL A 113 -2.42 32.10 2.09
CA VAL A 113 -3.56 31.91 1.21
C VAL A 113 -4.49 30.92 1.90
N ASP A 114 -5.76 31.28 2.05
CA ASP A 114 -6.78 30.36 2.51
C ASP A 114 -7.45 29.69 1.30
N ILE A 115 -7.59 28.37 1.36
CA ILE A 115 -8.19 27.58 0.28
C ILE A 115 -9.69 27.59 0.45
N PRO A 116 -10.47 27.67 -0.62
CA PRO A 116 -11.93 27.49 -0.48
C PRO A 116 -12.25 26.17 0.20
N LYS A 117 -13.34 26.18 0.96
CA LYS A 117 -13.77 25.04 1.76
C LYS A 117 -14.39 23.99 0.83
N GLN A 118 -13.55 23.41 -0.01
CA GLN A 118 -13.94 22.40 -0.98
C GLN A 118 -12.81 21.39 -1.13
N GLU A 119 -13.12 20.10 -1.05
CA GLU A 119 -12.09 19.10 -1.24
C GLU A 119 -11.47 19.17 -2.65
N LYS A 120 -12.25 19.61 -3.64
CA LYS A 120 -11.69 19.78 -4.97
C LYS A 120 -10.68 20.93 -4.98
N ALA A 121 -10.95 21.99 -4.21
CA ALA A 121 -10.00 23.11 -4.16
C ALA A 121 -8.73 22.70 -3.43
N LEU A 122 -8.87 21.89 -2.38
CA LEU A 122 -7.68 21.39 -1.68
C LEU A 122 -6.86 20.48 -2.58
N MET A 123 -7.51 19.65 -3.38
CA MET A 123 -6.80 18.82 -4.34
C MET A 123 -5.94 19.69 -5.26
N LYS A 124 -6.54 20.71 -5.85
CA LYS A 124 -5.80 21.59 -6.73
C LYS A 124 -4.61 22.21 -6.01
N ALA A 125 -4.82 22.67 -4.77
CA ALA A 125 -3.74 23.29 -4.01
C ALA A 125 -2.61 22.30 -3.77
N VAL A 126 -2.92 21.10 -3.31
CA VAL A 126 -1.90 20.09 -3.05
C VAL A 126 -1.13 19.74 -4.33
N ALA A 127 -1.84 19.69 -5.47
CA ALA A 127 -1.21 19.29 -6.71
C ALA A 127 -0.24 20.34 -7.25
N THR A 128 -0.51 21.63 -6.97
CA THR A 128 0.27 22.70 -7.60
C THR A 128 1.18 23.48 -6.64
N VAL A 129 0.93 23.46 -5.35
CA VAL A 129 1.64 24.32 -4.40
C VAL A 129 2.70 23.54 -3.62
N GLY A 130 2.30 22.45 -2.99
CA GLY A 130 3.10 21.80 -1.98
C GLY A 130 2.27 21.33 -0.81
N PRO A 131 2.92 20.92 0.27
CA PRO A 131 2.18 20.54 1.49
C PRO A 131 1.33 21.71 1.96
N ILE A 132 0.12 21.39 2.43
CA ILE A 132 -0.90 22.35 2.80
C ILE A 132 -1.29 22.11 4.26
N SER A 133 -1.37 23.20 5.02
CA SER A 133 -1.84 23.13 6.40
C SER A 133 -3.36 22.94 6.44
N VAL A 134 -3.83 21.95 7.22
CA VAL A 134 -5.26 21.74 7.38
C VAL A 134 -5.58 21.37 8.83
N ALA A 135 -6.84 21.57 9.21
CA ALA A 135 -7.33 21.14 10.51
C ALA A 135 -8.31 19.99 10.33
N ILE A 136 -8.27 19.01 11.24
CA ILE A 136 -9.20 17.89 11.20
C ILE A 136 -9.83 17.68 12.58
N ASP A 137 -10.95 16.95 12.60
CA ASP A 137 -11.54 16.42 13.83
C ASP A 137 -10.79 15.15 14.22
N ALA A 138 -9.88 15.27 15.20
CA ALA A 138 -9.06 14.16 15.63
C ALA A 138 -9.49 13.58 16.98
N GLY A 139 -10.64 13.99 17.50
CA GLY A 139 -11.05 13.63 18.84
C GLY A 139 -11.82 12.33 18.89
N HIS A 140 -11.26 11.26 18.38
CA HIS A 140 -11.90 9.96 18.40
C HIS A 140 -10.85 8.90 18.70
N GLU A 141 -11.26 7.88 19.44
CA GLU A 141 -10.37 6.77 19.80
C GLU A 141 -9.76 6.13 18.56
N SER A 142 -10.54 6.00 17.48
CA SER A 142 -10.05 5.34 16.29
C SER A 142 -8.84 6.08 15.70
N PHE A 143 -8.80 7.40 15.82
CA PHE A 143 -7.66 8.17 15.35
C PHE A 143 -6.43 7.88 16.20
N LEU A 144 -6.61 7.82 17.50
CA LEU A 144 -5.49 7.52 18.40
C LEU A 144 -4.81 6.20 18.06
N PHE A 145 -5.59 5.18 17.71
CA PHE A 145 -5.11 3.82 17.56
C PHE A 145 -4.87 3.43 16.11
N TYR A 146 -5.03 4.37 15.19
CA TYR A 146 -4.86 4.12 13.77
C TYR A 146 -3.48 3.52 13.49
N LYS A 147 -3.46 2.50 12.64
CA LYS A 147 -2.22 1.82 12.25
C LYS A 147 -1.93 1.89 10.76
N GLU A 148 -2.94 1.73 9.90
CA GLU A 148 -2.76 1.40 8.49
C GLU A 148 -4.09 1.58 7.78
N GLY A 149 -4.02 1.75 6.49
CA GLY A 149 -5.22 1.83 5.67
C GLY A 149 -5.73 3.26 5.58
N ILE A 150 -6.94 3.36 5.02
CA ILE A 150 -7.62 4.64 4.88
C ILE A 150 -8.47 4.85 6.12
N TYR A 151 -8.23 5.94 6.81
CA TYR A 151 -8.95 6.25 8.05
C TYR A 151 -10.32 6.82 7.72
N PHE A 152 -11.37 6.17 8.23
CA PHE A 152 -12.73 6.67 8.14
C PHE A 152 -13.41 6.44 9.49
N GLU A 153 -13.89 7.51 10.09
CA GLU A 153 -14.59 7.47 11.39
C GLU A 153 -16.01 7.98 11.19
N PRO A 154 -17.02 7.12 11.33
CA PRO A 154 -18.40 7.57 11.03
C PRO A 154 -18.87 8.77 11.86
N ASP A 155 -18.31 8.96 13.05
CA ASP A 155 -18.73 10.06 13.91
C ASP A 155 -17.88 11.31 13.75
N CYS A 156 -17.12 11.40 12.67
CA CYS A 156 -16.23 12.54 12.50
C CYS A 156 -17.03 13.75 12.07
N SER A 157 -16.63 14.92 12.57
CA SER A 157 -17.31 16.17 12.26
C SER A 157 -16.55 16.93 11.17
N SER A 158 -17.29 17.45 10.20
CA SER A 158 -16.71 18.30 9.16
C SER A 158 -16.68 19.77 9.55
N GLU A 159 -17.27 20.13 10.70
CA GLU A 159 -17.41 21.52 11.09
C GLU A 159 -16.80 21.84 12.46
N ASP A 160 -16.32 20.84 13.18
CA ASP A 160 -15.75 21.05 14.52
C ASP A 160 -14.35 20.41 14.59
N MET A 161 -13.44 20.92 13.78
CA MET A 161 -12.06 20.44 13.75
C MET A 161 -11.28 20.97 14.94
N ASP A 162 -10.35 20.16 15.42
CA ASP A 162 -9.61 20.51 16.64
C ASP A 162 -8.12 20.17 16.57
N HIS A 163 -7.60 19.76 15.43
CA HIS A 163 -6.21 19.32 15.32
C HIS A 163 -5.62 19.78 14.01
N GLY A 164 -4.56 20.58 14.07
CA GLY A 164 -3.83 20.96 12.87
C GLY A 164 -2.85 19.89 12.40
N VAL A 165 -2.88 19.56 11.13
CA VAL A 165 -1.99 18.58 10.54
C VAL A 165 -1.62 19.09 9.16
N LEU A 166 -0.87 18.26 8.41
CA LEU A 166 -0.27 18.70 7.13
C LEU A 166 -0.53 17.67 6.02
N VAL A 167 -1.20 18.11 4.97
CA VAL A 167 -1.44 17.26 3.80
C VAL A 167 -0.23 17.34 2.87
N VAL A 168 0.52 16.23 2.76
CA VAL A 168 1.66 16.16 1.87
C VAL A 168 1.34 15.51 0.52
N GLY A 169 0.12 15.00 0.35
CA GLY A 169 -0.21 14.39 -0.92
C GLY A 169 -1.58 13.75 -0.85
N TYR A 170 -1.87 12.97 -1.89
CA TYR A 170 -3.13 12.24 -2.01
C TYR A 170 -2.90 11.09 -2.99
N GLY A 171 -3.80 10.12 -2.93
CA GLY A 171 -3.74 9.05 -3.90
C GLY A 171 -4.90 8.11 -3.78
N PHE A 172 -4.70 6.91 -4.30
CA PHE A 172 -5.72 5.88 -4.38
C PHE A 172 -5.11 4.59 -3.86
N GLU A 173 -5.98 3.76 -3.29
CA GLU A 173 -5.54 2.50 -2.68
C GLU A 173 -6.61 1.45 -2.93
N SER A 174 -6.20 0.29 -3.41
CA SER A 174 -7.09 -0.85 -3.56
C SER A 174 -6.72 -2.00 -2.64
N THR A 175 -5.81 -1.76 -1.68
CA THR A 175 -5.50 -2.73 -0.64
C THR A 175 -6.62 -2.86 0.39
N GLU A 176 -7.64 -2.01 0.31
CA GLU A 176 -8.78 -2.04 1.21
C GLU A 176 -10.06 -2.07 0.40
N SER A 177 -11.08 -2.72 0.96
CA SER A 177 -12.30 -2.97 0.21
C SER A 177 -13.26 -1.79 0.23
N ASP A 178 -13.44 -1.17 1.39
CA ASP A 178 -14.56 -0.26 1.60
C ASP A 178 -14.18 1.21 1.47
N ASN A 179 -12.95 1.52 1.06
CA ASN A 179 -12.56 2.90 0.78
C ASN A 179 -11.45 2.87 -0.25
N ASN A 180 -11.20 4.03 -0.85
CA ASN A 180 -10.34 4.05 -2.03
C ASN A 180 -9.40 5.26 -2.11
N LYS A 181 -9.95 6.46 -2.13
CA LYS A 181 -9.13 7.66 -2.24
C LYS A 181 -8.74 8.18 -0.86
N TYR A 182 -7.55 8.76 -0.75
CA TYR A 182 -7.10 9.24 0.54
C TYR A 182 -6.25 10.49 0.39
N TRP A 183 -6.27 11.30 1.42
CA TRP A 183 -5.29 12.36 1.66
C TRP A 183 -4.17 11.79 2.50
N LEU A 184 -2.94 12.07 2.11
CA LEU A 184 -1.75 11.64 2.84
C LEU A 184 -1.37 12.75 3.81
N VAL A 185 -1.44 12.44 5.11
CA VAL A 185 -1.40 13.45 6.16
C VAL A 185 -0.24 13.15 7.10
N LYS A 186 0.59 14.16 7.31
CA LYS A 186 1.64 14.14 8.33
C LYS A 186 1.07 14.68 9.65
N ASN A 187 1.20 13.89 10.71
CA ASN A 187 0.78 14.25 12.05
C ASN A 187 2.02 14.68 12.83
N SER A 188 1.80 15.10 14.09
CA SER A 188 2.87 15.59 14.96
C SER A 188 2.87 14.86 16.32
N TRP A 189 2.51 13.58 16.34
CA TRP A 189 2.55 12.76 17.53
C TRP A 189 3.67 11.73 17.49
N GLY A 190 4.74 11.99 16.73
CA GLY A 190 5.86 11.09 16.66
C GLY A 190 5.68 9.98 15.66
N GLU A 191 6.76 9.22 15.48
CA GLU A 191 6.84 8.16 14.48
C GLU A 191 6.07 6.91 14.89
N GLU A 192 5.91 6.68 16.21
CA GLU A 192 5.21 5.50 16.70
C GLU A 192 3.73 5.53 16.38
N TRP A 193 3.16 6.72 16.18
CA TRP A 193 1.74 6.85 15.95
C TRP A 193 1.45 6.57 14.48
N GLY A 194 0.31 5.93 14.22
CA GLY A 194 -0.09 5.69 12.83
C GLY A 194 0.98 4.96 12.03
N MET A 195 1.15 5.38 10.78
CA MET A 195 2.02 4.69 9.82
C MET A 195 3.32 5.50 9.72
N GLY A 196 4.25 5.21 10.63
CA GLY A 196 5.41 6.08 10.75
C GLY A 196 5.06 7.54 10.95
N GLY A 197 3.97 7.84 11.65
CA GLY A 197 3.55 9.18 11.93
C GLY A 197 2.60 9.79 10.94
N TYR A 198 2.25 9.07 9.88
CA TYR A 198 1.35 9.51 8.84
C TYR A 198 0.04 8.76 8.90
N VAL A 199 -0.98 9.34 8.28
CA VAL A 199 -2.29 8.72 8.18
C VAL A 199 -2.84 8.99 6.80
N LYS A 200 -3.57 8.00 6.26
CA LYS A 200 -4.34 8.18 5.03
C LYS A 200 -5.78 8.49 5.44
N MET A 201 -6.22 9.74 5.20
N MET A 201 -6.22 9.73 5.18
CA MET A 201 -7.56 10.19 5.51
CA MET A 201 -7.57 10.16 5.53
C MET A 201 -8.47 10.04 4.29
C MET A 201 -8.48 10.07 4.30
N ALA A 202 -9.67 9.52 4.50
CA ALA A 202 -10.63 9.33 3.42
C ALA A 202 -10.84 10.63 2.65
N LYS A 203 -10.76 10.55 1.32
CA LYS A 203 -10.85 11.68 0.43
C LYS A 203 -12.15 11.61 -0.37
N ASP A 204 -12.79 12.78 -0.52
CA ASP A 204 -14.06 12.91 -1.24
C ASP A 204 -15.15 12.10 -0.59
N ARG A 205 -15.24 12.16 0.75
CA ARG A 205 -16.28 11.46 1.52
C ARG A 205 -16.91 12.47 2.48
N ARG A 206 -17.78 13.32 1.94
CA ARG A 206 -18.47 14.35 2.73
C ARG A 206 -17.49 15.21 3.53
N ASN A 207 -16.37 15.59 2.90
CA ASN A 207 -15.36 16.41 3.56
C ASN A 207 -15.02 15.81 4.91
N HIS A 208 -14.45 14.61 4.87
CA HIS A 208 -14.35 13.75 6.05
C HIS A 208 -13.47 14.38 7.13
N CYS A 209 -14.02 14.49 8.34
CA CYS A 209 -13.34 15.11 9.48
C CYS A 209 -12.98 16.57 9.22
N GLY A 210 -13.61 17.20 8.23
CA GLY A 210 -13.37 18.61 7.98
C GLY A 210 -12.06 18.97 7.30
N ILE A 211 -11.41 18.03 6.64
CA ILE A 211 -10.04 18.25 6.19
C ILE A 211 -9.92 19.44 5.24
N ALA A 212 -10.98 19.75 4.51
CA ALA A 212 -10.97 20.89 3.59
C ALA A 212 -11.59 22.16 4.17
N SER A 213 -11.87 22.22 5.47
CA SER A 213 -12.60 23.34 6.03
C SER A 213 -11.72 24.48 6.52
N ALA A 214 -10.47 24.22 6.85
CA ALA A 214 -9.53 25.25 7.29
C ALA A 214 -8.14 25.00 6.67
N ALA A 215 -8.08 24.97 5.36
CA ALA A 215 -6.84 24.71 4.63
C ALA A 215 -6.17 26.00 4.16
N SER A 216 -4.86 26.06 4.32
CA SER A 216 -4.09 27.27 3.95
C SER A 216 -2.63 26.90 3.69
N TYR A 217 -1.90 27.82 3.09
CA TYR A 217 -0.47 27.70 2.93
C TYR A 217 0.14 29.09 2.94
N PRO A 218 1.42 29.20 3.31
CA PRO A 218 2.09 30.51 3.28
C PRO A 218 2.61 30.92 1.90
N THR A 219 2.68 32.25 1.71
CA THR A 219 3.25 32.86 0.51
C THR A 219 4.74 33.14 0.73
N VAL A 220 5.59 32.61 -0.14
CA VAL A 220 7.02 32.89 -0.03
C VAL A 220 7.55 33.43 -1.34
N PRO B 2 2.39 -14.40 -19.85
CA PRO B 2 2.79 -14.63 -21.24
C PRO B 2 3.33 -13.40 -21.93
N ARG B 3 4.09 -13.60 -23.01
CA ARG B 3 4.76 -12.50 -23.69
C ARG B 3 3.85 -11.77 -24.68
N SER B 4 2.75 -12.40 -25.09
CA SER B 4 1.78 -11.75 -25.96
C SER B 4 0.37 -12.06 -25.47
N VAL B 5 -0.45 -11.02 -25.35
CA VAL B 5 -1.83 -11.14 -24.91
C VAL B 5 -2.68 -10.27 -25.82
N ASP B 6 -3.84 -10.80 -26.24
CA ASP B 6 -4.76 -10.04 -27.08
C ASP B 6 -6.17 -10.59 -26.82
N TRP B 7 -6.85 -9.98 -25.85
CA TRP B 7 -8.18 -10.42 -25.45
C TRP B 7 -9.22 -10.33 -26.58
N ARG B 8 -8.99 -9.49 -27.59
CA ARG B 8 -9.89 -9.45 -28.72
C ARG B 8 -10.00 -10.84 -29.39
N GLU B 9 -8.93 -11.63 -29.33
CA GLU B 9 -8.92 -12.92 -30.00
C GLU B 9 -9.77 -13.96 -29.28
N LYS B 10 -10.11 -13.74 -28.01
CA LYS B 10 -10.94 -14.67 -27.26
C LYS B 10 -12.38 -14.19 -27.12
N GLY B 11 -12.72 -13.07 -27.76
CA GLY B 11 -14.10 -12.63 -27.78
C GLY B 11 -14.50 -11.70 -26.67
N TYR B 12 -13.56 -10.99 -26.04
CA TYR B 12 -13.81 -10.15 -24.88
C TYR B 12 -14.15 -8.70 -25.24
N VAL B 13 -14.01 -8.32 -26.52
CA VAL B 13 -13.96 -6.92 -26.92
C VAL B 13 -14.97 -6.65 -28.04
N THR B 14 -15.86 -5.67 -27.81
CA THR B 14 -16.76 -5.20 -28.86
C THR B 14 -16.00 -4.36 -29.89
N PRO B 15 -16.62 -4.05 -31.03
CA PRO B 15 -15.96 -3.19 -32.02
C PRO B 15 -15.69 -1.79 -31.50
N VAL B 16 -14.88 -1.07 -32.27
CA VAL B 16 -14.56 0.32 -31.94
C VAL B 16 -15.80 1.19 -32.05
N LYS B 17 -16.06 2.00 -31.04
CA LYS B 17 -17.14 2.97 -31.01
C LYS B 17 -16.58 4.38 -31.14
N ASN B 18 -17.47 5.35 -31.29
CA ASN B 18 -17.12 6.75 -31.48
C ASN B 18 -17.92 7.63 -30.52
N GLN B 19 -17.20 8.26 -29.57
CA GLN B 19 -17.84 9.18 -28.62
C GLN B 19 -18.31 10.48 -29.27
N GLY B 20 -17.86 10.78 -30.49
CA GLY B 20 -18.32 12.01 -31.09
C GLY B 20 -17.82 13.25 -30.36
N GLN B 21 -18.65 14.30 -30.38
CA GLN B 21 -18.29 15.58 -29.79
C GLN B 21 -18.71 15.71 -28.33
N CYS B 22 -18.79 14.61 -27.61
CA CYS B 22 -19.14 14.54 -26.20
C CYS B 22 -17.92 14.08 -25.40
N GLY B 23 -17.66 14.73 -24.29
CA GLY B 23 -16.52 14.40 -23.47
C GLY B 23 -16.73 13.17 -22.63
N SER B 24 -16.96 12.03 -23.27
CA SER B 24 -17.37 10.84 -22.55
C SER B 24 -16.41 9.66 -22.66
N TRP B 26 -14.46 8.46 -20.71
CA TRP B 26 -14.54 7.74 -19.48
C TRP B 26 -15.64 6.68 -19.50
N ALA B 27 -16.75 6.96 -20.14
CA ALA B 27 -17.83 6.01 -20.22
C ALA B 27 -17.50 4.88 -21.18
N PHE B 28 -16.80 5.20 -22.27
CA PHE B 28 -16.41 4.18 -23.23
C PHE B 28 -15.33 3.28 -22.65
N SER B 29 -14.37 3.87 -21.92
CA SER B 29 -13.38 3.06 -21.22
C SER B 29 -14.07 2.10 -20.25
N ALA B 30 -15.08 2.59 -19.53
CA ALA B 30 -15.69 1.77 -18.49
C ALA B 30 -16.56 0.65 -19.08
N THR B 31 -17.34 0.94 -20.14
CA THR B 31 -18.11 -0.13 -20.73
C THR B 31 -17.20 -1.19 -21.36
N GLY B 32 -16.07 -0.77 -21.93
CA GLY B 32 -15.11 -1.74 -22.46
C GLY B 32 -14.60 -2.70 -21.40
N ALA B 33 -14.26 -2.16 -20.21
CA ALA B 33 -13.76 -3.01 -19.15
C ALA B 33 -14.88 -3.90 -18.62
N LEU B 34 -16.06 -3.35 -18.44
CA LEU B 34 -17.18 -4.14 -17.95
C LEU B 34 -17.65 -5.14 -19.01
N GLU B 35 -17.55 -4.79 -20.30
CA GLU B 35 -17.88 -5.75 -21.35
C GLU B 35 -16.96 -6.98 -21.26
N GLY B 36 -15.67 -6.75 -20.94
CA GLY B 36 -14.75 -7.85 -20.79
C GLY B 36 -15.03 -8.71 -19.57
N GLN B 37 -15.36 -8.07 -18.44
CA GLN B 37 -15.53 -8.85 -17.22
C GLN B 37 -16.85 -9.61 -17.25
N MET B 38 -17.88 -9.05 -17.90
CA MET B 38 -19.13 -9.79 -18.08
C MET B 38 -18.91 -11.00 -18.96
N PHE B 39 -18.16 -10.84 -20.07
CA PHE B 39 -17.83 -12.00 -20.91
C PHE B 39 -17.06 -13.03 -20.12
N ARG B 40 -16.08 -12.60 -19.31
CA ARG B 40 -15.30 -13.52 -18.51
C ARG B 40 -16.16 -14.38 -17.62
N LYS B 41 -17.29 -13.82 -17.12
N LYS B 41 -17.28 -13.84 -17.12
CA LYS B 41 -18.17 -14.50 -16.19
CA LYS B 41 -18.12 -14.60 -16.20
C LYS B 41 -19.30 -15.25 -16.88
C LYS B 41 -19.32 -15.25 -16.87
N THR B 42 -19.73 -14.78 -18.06
CA THR B 42 -20.92 -15.31 -18.71
C THR B 42 -20.68 -15.97 -20.06
N GLY B 43 -19.57 -15.70 -20.71
CA GLY B 43 -19.40 -16.18 -22.07
C GLY B 43 -20.26 -15.50 -23.09
N ARG B 44 -20.86 -14.37 -22.73
CA ARG B 44 -21.68 -13.55 -23.62
C ARG B 44 -21.03 -12.18 -23.74
N LEU B 45 -20.72 -11.76 -24.98
CA LEU B 45 -20.24 -10.41 -25.27
C LEU B 45 -21.46 -9.56 -25.64
N ILE B 46 -21.81 -8.61 -24.80
CA ILE B 46 -22.92 -7.69 -25.04
C ILE B 46 -22.42 -6.25 -24.90
N SER B 47 -22.56 -5.48 -25.97
CA SER B 47 -22.19 -4.07 -25.94
C SER B 47 -23.08 -3.31 -24.96
N LEU B 48 -22.46 -2.48 -24.13
CA LEU B 48 -23.12 -1.81 -23.04
C LEU B 48 -23.29 -0.33 -23.36
N SER B 49 -24.22 0.29 -22.65
CA SER B 49 -24.70 1.63 -22.97
C SER B 49 -23.83 2.70 -22.30
N GLU B 50 -23.07 3.42 -23.11
CA GLU B 50 -22.38 4.61 -22.65
C GLU B 50 -23.36 5.72 -22.28
N GLN B 51 -24.45 5.85 -23.03
CA GLN B 51 -25.45 6.88 -22.74
C GLN B 51 -26.04 6.70 -21.35
N ASN B 52 -26.23 5.43 -20.94
CA ASN B 52 -26.64 5.11 -19.57
C ASN B 52 -25.70 5.79 -18.56
N LEU B 53 -24.41 5.64 -18.76
CA LEU B 53 -23.44 6.22 -17.83
C LEU B 53 -23.44 7.74 -17.91
N VAL B 54 -23.55 8.28 -19.12
CA VAL B 54 -23.49 9.73 -19.28
C VAL B 54 -24.69 10.40 -18.61
N ASP B 55 -25.89 9.79 -18.72
CA ASP B 55 -27.12 10.42 -18.27
C ASP B 55 -27.33 10.24 -16.76
N CYS B 56 -26.79 9.17 -16.18
CA CYS B 56 -27.25 8.66 -14.90
C CYS B 56 -26.21 8.68 -13.77
N SER B 57 -24.92 8.80 -14.07
CA SER B 57 -23.88 8.61 -13.06
C SER B 57 -23.40 9.91 -12.44
N GLY B 58 -24.12 11.01 -12.64
CA GLY B 58 -23.82 12.25 -11.94
C GLY B 58 -23.76 12.13 -10.43
N PRO B 59 -24.66 11.36 -9.80
CA PRO B 59 -24.57 11.21 -8.33
C PRO B 59 -23.24 10.62 -7.88
N GLN B 60 -22.57 9.83 -8.73
CA GLN B 60 -21.28 9.26 -8.39
C GLN B 60 -20.12 10.20 -8.68
N GLY B 61 -20.38 11.39 -9.22
CA GLY B 61 -19.32 12.36 -9.46
C GLY B 61 -18.95 12.54 -10.92
N ASN B 62 -19.60 11.83 -11.83
CA ASN B 62 -19.41 12.10 -13.26
C ASN B 62 -20.18 13.35 -13.70
N GLU B 63 -19.72 13.93 -14.79
CA GLU B 63 -20.26 15.18 -15.30
C GLU B 63 -20.62 15.07 -16.78
N GLY B 64 -21.15 13.92 -17.19
CA GLY B 64 -21.71 13.80 -18.53
C GLY B 64 -20.67 14.00 -19.65
N CYS B 65 -21.00 14.89 -20.59
CA CYS B 65 -20.10 15.23 -21.68
C CYS B 65 -19.02 16.19 -21.26
N ASN B 66 -18.99 16.58 -19.98
CA ASN B 66 -17.96 17.47 -19.45
C ASN B 66 -16.90 16.69 -18.67
N GLY B 67 -16.92 15.37 -18.71
CA GLY B 67 -15.85 14.57 -18.17
C GLY B 67 -16.34 13.64 -17.07
N GLY B 68 -15.43 12.75 -16.68
CA GLY B 68 -15.75 11.77 -15.65
C GLY B 68 -14.58 10.87 -15.40
N LEU B 69 -14.85 9.81 -14.64
CA LEU B 69 -13.85 8.84 -14.23
C LEU B 69 -14.47 7.45 -14.38
N MET B 70 -13.67 6.52 -14.91
CA MET B 70 -14.12 5.13 -14.99
C MET B 70 -14.51 4.56 -13.63
N ASP B 71 -13.76 4.88 -12.57
CA ASP B 71 -14.09 4.31 -11.28
C ASP B 71 -15.47 4.80 -10.82
N TYR B 72 -15.80 6.06 -11.10
CA TYR B 72 -17.13 6.54 -10.77
C TYR B 72 -18.19 5.78 -11.54
N ALA B 73 -17.90 5.44 -12.81
CA ALA B 73 -18.85 4.67 -13.62
C ALA B 73 -19.02 3.27 -13.04
N PHE B 74 -17.91 2.63 -12.60
CA PHE B 74 -18.04 1.31 -11.98
C PHE B 74 -18.86 1.42 -10.70
N GLN B 75 -18.64 2.48 -9.93
CA GLN B 75 -19.41 2.71 -8.70
C GLN B 75 -20.91 2.89 -9.00
N TYR B 76 -21.24 3.61 -10.07
CA TYR B 76 -22.64 3.75 -10.46
C TYR B 76 -23.28 2.39 -10.71
N VAL B 77 -22.61 1.51 -11.47
CA VAL B 77 -23.21 0.21 -11.77
C VAL B 77 -23.48 -0.54 -10.47
N GLN B 78 -22.57 -0.44 -9.50
CA GLN B 78 -22.81 -1.09 -8.21
C GLN B 78 -24.01 -0.48 -7.48
N ASP B 79 -24.00 0.84 -7.31
CA ASP B 79 -25.09 1.53 -6.61
C ASP B 79 -26.41 1.27 -7.31
N ASN B 80 -26.40 1.18 -8.62
CA ASN B 80 -27.62 1.12 -9.42
C ASN B 80 -28.18 -0.29 -9.59
N GLY B 81 -27.37 -1.31 -9.34
CA GLY B 81 -27.79 -2.69 -9.54
C GLY B 81 -27.76 -3.17 -10.98
N GLY B 82 -27.23 -2.38 -11.91
CA GLY B 82 -27.16 -2.82 -13.29
C GLY B 82 -26.79 -1.72 -14.26
N LEU B 83 -26.79 -2.10 -15.54
CA LEU B 83 -26.45 -1.20 -16.63
C LEU B 83 -27.13 -1.75 -17.88
N ASP B 84 -27.79 -0.88 -18.65
CA ASP B 84 -28.50 -1.30 -19.84
C ASP B 84 -27.54 -1.57 -21.00
N SER B 85 -28.05 -2.35 -21.96
CA SER B 85 -27.28 -2.69 -23.16
C SER B 85 -27.21 -1.51 -24.12
N GLU B 86 -26.13 -1.52 -24.92
CA GLU B 86 -25.99 -0.53 -25.98
C GLU B 86 -27.24 -0.46 -26.86
N GLU B 87 -27.80 -1.61 -27.23
CA GLU B 87 -28.93 -1.62 -28.14
C GLU B 87 -30.19 -1.10 -27.48
N SER B 88 -30.37 -1.38 -26.18
CA SER B 88 -31.56 -0.90 -25.48
C SER B 88 -31.49 0.59 -25.15
N TYR B 89 -30.29 1.17 -25.12
CA TYR B 89 -30.06 2.53 -24.62
C TYR B 89 -28.95 3.14 -25.47
N PRO B 90 -29.23 3.43 -26.73
CA PRO B 90 -28.15 3.76 -27.67
C PRO B 90 -27.56 5.15 -27.43
N TYR B 91 -26.39 5.38 -28.01
CA TYR B 91 -25.59 6.56 -27.74
C TYR B 91 -26.09 7.75 -28.53
N GLU B 92 -26.21 8.89 -27.86
CA GLU B 92 -26.71 10.12 -28.46
C GLU B 92 -25.64 11.21 -28.54
N ALA B 93 -24.49 11.03 -27.89
CA ALA B 93 -23.44 12.05 -27.88
C ALA B 93 -23.94 13.37 -27.31
N THR B 94 -24.84 13.30 -26.34
CA THR B 94 -25.28 14.49 -25.59
C THR B 94 -25.86 14.01 -24.27
N GLU B 95 -25.72 14.83 -23.23
N GLU B 95 -25.71 14.84 -23.24
CA GLU B 95 -26.23 14.48 -21.92
CA GLU B 95 -26.25 14.53 -21.92
C GLU B 95 -27.73 14.75 -21.85
C GLU B 95 -27.76 14.74 -21.92
N GLU B 96 -28.50 13.76 -21.40
CA GLU B 96 -29.93 13.91 -21.26
C GLU B 96 -30.37 13.31 -19.92
N SER B 97 -31.68 13.30 -19.70
CA SER B 97 -32.23 12.71 -18.49
C SER B 97 -31.95 11.21 -18.50
N CYS B 98 -31.88 10.64 -17.30
CA CYS B 98 -31.62 9.20 -17.12
C CYS B 98 -32.83 8.38 -17.53
N LYS B 99 -32.59 7.37 -18.38
CA LYS B 99 -33.67 6.52 -18.87
C LYS B 99 -33.41 5.06 -18.56
N TYR B 100 -32.57 4.79 -17.56
CA TYR B 100 -32.26 3.42 -17.18
C TYR B 100 -33.53 2.64 -16.87
N ASN B 101 -33.64 1.47 -17.46
CA ASN B 101 -34.72 0.53 -17.14
C ASN B 101 -34.08 -0.79 -16.69
N PRO B 102 -34.20 -1.18 -15.41
CA PRO B 102 -33.52 -2.41 -14.96
C PRO B 102 -34.00 -3.66 -15.67
N LYS B 103 -35.16 -3.62 -16.33
CA LYS B 103 -35.58 -4.80 -17.11
C LYS B 103 -34.66 -5.07 -18.30
N TYR B 104 -33.86 -4.09 -18.71
CA TYR B 104 -32.95 -4.27 -19.83
C TYR B 104 -31.50 -4.29 -19.38
N SER B 105 -31.27 -4.50 -18.08
CA SER B 105 -29.91 -4.55 -17.57
C SER B 105 -29.24 -5.87 -17.98
N VAL B 106 -27.99 -5.75 -18.47
CA VAL B 106 -27.21 -6.91 -18.86
C VAL B 106 -25.85 -6.98 -18.15
N ALA B 107 -25.60 -6.09 -17.20
CA ALA B 107 -24.33 -6.06 -16.52
C ALA B 107 -24.52 -5.59 -15.08
N ASN B 108 -23.54 -5.92 -14.25
CA ASN B 108 -23.55 -5.60 -12.82
C ASN B 108 -22.11 -5.69 -12.32
N ASP B 109 -21.87 -5.17 -11.11
CA ASP B 109 -20.57 -5.35 -10.49
C ASP B 109 -20.70 -5.10 -8.99
N ALA B 110 -19.68 -5.53 -8.26
CA ALA B 110 -19.59 -5.28 -6.84
C ALA B 110 -18.36 -4.40 -6.55
N GLY B 111 -18.27 -3.29 -7.25
CA GLY B 111 -17.17 -2.37 -7.04
C GLY B 111 -16.13 -2.48 -8.13
N PHE B 112 -14.91 -2.05 -7.78
CA PHE B 112 -13.83 -1.95 -8.75
C PHE B 112 -12.51 -2.16 -8.06
N VAL B 113 -11.47 -2.35 -8.88
CA VAL B 113 -10.13 -2.73 -8.42
C VAL B 113 -9.15 -1.74 -9.04
N ASP B 114 -8.39 -1.05 -8.22
CA ASP B 114 -7.38 -0.10 -8.68
C ASP B 114 -6.04 -0.81 -8.69
N ILE B 115 -5.46 -0.96 -9.87
CA ILE B 115 -4.15 -1.63 -10.03
C ILE B 115 -3.08 -0.74 -9.41
N PRO B 116 -2.07 -1.32 -8.74
CA PRO B 116 -0.93 -0.50 -8.25
C PRO B 116 -0.25 0.22 -9.40
N LYS B 117 0.46 1.30 -9.05
CA LYS B 117 1.05 2.20 -10.04
C LYS B 117 2.41 1.65 -10.50
N GLN B 118 2.33 0.61 -11.32
CA GLN B 118 3.54 -0.09 -11.79
C GLN B 118 3.17 -0.78 -13.10
N GLU B 119 4.02 -0.63 -14.11
CA GLU B 119 3.70 -1.23 -15.40
C GLU B 119 3.69 -2.76 -15.31
N LYS B 120 4.57 -3.34 -14.50
CA LYS B 120 4.56 -4.80 -14.35
C LYS B 120 3.29 -5.28 -13.65
N ALA B 121 2.76 -4.46 -12.73
CA ALA B 121 1.47 -4.80 -12.11
C ALA B 121 0.37 -4.77 -13.15
N LEU B 122 0.38 -3.76 -14.02
CA LEU B 122 -0.62 -3.69 -15.08
C LEU B 122 -0.50 -4.87 -16.04
N MET B 123 0.74 -5.25 -16.38
CA MET B 123 0.97 -6.42 -17.23
C MET B 123 0.37 -7.68 -16.59
N LYS B 124 0.59 -7.87 -15.28
CA LYS B 124 -0.04 -9.00 -14.60
C LYS B 124 -1.56 -8.93 -14.70
N ALA B 125 -2.13 -7.75 -14.49
CA ALA B 125 -3.58 -7.61 -14.54
C ALA B 125 -4.13 -7.97 -15.92
N VAL B 126 -3.54 -7.41 -16.98
CA VAL B 126 -3.99 -7.72 -18.33
C VAL B 126 -3.85 -9.19 -18.64
N ALA B 127 -2.81 -9.85 -18.10
CA ALA B 127 -2.59 -11.26 -18.38
C ALA B 127 -3.58 -12.16 -17.66
N THR B 128 -4.12 -11.70 -16.52
CA THR B 128 -4.93 -12.56 -15.69
C THR B 128 -6.41 -12.17 -15.65
N VAL B 129 -6.74 -10.93 -15.97
CA VAL B 129 -8.08 -10.39 -15.75
C VAL B 129 -8.85 -10.22 -17.07
N GLY B 130 -8.25 -9.56 -18.03
CA GLY B 130 -8.92 -9.19 -19.25
C GLY B 130 -8.61 -7.74 -19.53
N PRO B 131 -9.43 -7.10 -20.38
CA PRO B 131 -9.21 -5.69 -20.69
C PRO B 131 -9.33 -4.79 -19.47
N ILE B 132 -8.44 -3.78 -19.40
CA ILE B 132 -8.29 -2.95 -18.22
C ILE B 132 -8.49 -1.49 -18.61
N SER B 133 -9.36 -0.79 -17.87
CA SER B 133 -9.50 0.65 -18.07
C SER B 133 -8.22 1.38 -17.62
N VAL B 134 -7.75 2.33 -18.45
CA VAL B 134 -6.57 3.13 -18.12
C VAL B 134 -6.81 4.55 -18.58
N ALA B 135 -6.11 5.48 -17.95
CA ALA B 135 -6.09 6.89 -18.34
C ALA B 135 -4.69 7.22 -18.87
N ILE B 136 -4.62 8.02 -19.94
CA ILE B 136 -3.36 8.40 -20.54
C ILE B 136 -3.32 9.92 -20.77
N ASP B 137 -2.10 10.41 -20.95
CA ASP B 137 -1.89 11.78 -21.42
C ASP B 137 -2.05 11.74 -22.93
N ALA B 138 -3.19 12.21 -23.42
CA ALA B 138 -3.48 12.21 -24.85
C ALA B 138 -3.40 13.60 -25.45
N GLY B 139 -2.98 14.60 -24.68
CA GLY B 139 -3.01 15.98 -25.14
C GLY B 139 -1.84 16.39 -26.02
N HIS B 140 -1.58 15.64 -27.07
CA HIS B 140 -0.49 15.94 -27.97
C HIS B 140 -0.92 15.69 -29.40
N GLU B 141 -0.56 16.61 -30.29
CA GLU B 141 -0.91 16.46 -31.69
C GLU B 141 -0.48 15.09 -32.21
N SER B 142 0.65 14.59 -31.73
CA SER B 142 1.11 13.28 -32.19
C SER B 142 0.06 12.21 -31.93
N PHE B 143 -0.68 12.30 -30.83
CA PHE B 143 -1.73 11.33 -30.53
C PHE B 143 -2.96 11.54 -31.42
N LEU B 144 -3.40 12.77 -31.60
CA LEU B 144 -4.53 13.03 -32.50
C LEU B 144 -4.27 12.47 -33.90
N PHE B 145 -3.04 12.62 -34.41
CA PHE B 145 -2.71 12.26 -35.78
C PHE B 145 -2.02 10.90 -35.88
N TYR B 146 -1.95 10.14 -34.80
CA TYR B 146 -1.41 8.79 -34.85
C TYR B 146 -2.21 7.91 -35.82
N LYS B 147 -1.49 7.09 -36.60
CA LYS B 147 -2.16 6.22 -37.54
C LYS B 147 -1.68 4.78 -37.48
N GLU B 148 -0.41 4.56 -37.12
CA GLU B 148 0.15 3.21 -37.25
C GLU B 148 1.47 3.11 -36.49
N GLY B 149 1.82 1.86 -36.12
CA GLY B 149 3.06 1.63 -35.42
C GLY B 149 2.97 1.85 -33.92
N ILE B 150 4.14 1.83 -33.28
CA ILE B 150 4.22 2.01 -31.83
C ILE B 150 4.34 3.50 -31.54
N TYR B 151 3.46 4.01 -30.69
CA TYR B 151 3.39 5.42 -30.37
C TYR B 151 4.34 5.75 -29.23
N PHE B 152 5.16 6.79 -29.43
CA PHE B 152 6.04 7.26 -28.36
C PHE B 152 6.19 8.77 -28.49
N GLU B 153 5.56 9.49 -27.56
CA GLU B 153 5.64 10.94 -27.49
C GLU B 153 6.63 11.33 -26.40
N PRO B 154 7.81 11.83 -26.73
CA PRO B 154 8.79 12.13 -25.66
C PRO B 154 8.33 13.19 -24.67
N ASP B 155 7.30 13.97 -25.00
CA ASP B 155 6.76 14.96 -24.06
C ASP B 155 5.47 14.51 -23.39
N CYS B 156 5.30 13.22 -23.14
CA CYS B 156 4.10 12.70 -22.50
C CYS B 156 4.30 12.71 -21.00
N SER B 157 3.24 13.07 -20.27
CA SER B 157 3.26 13.08 -18.82
C SER B 157 2.90 11.69 -18.29
N SER B 158 3.62 11.25 -17.28
CA SER B 158 3.31 9.98 -16.61
C SER B 158 2.41 10.15 -15.39
N GLU B 159 2.07 11.39 -15.05
CA GLU B 159 1.27 11.65 -13.86
C GLU B 159 0.00 12.42 -14.12
N ASP B 160 -0.12 13.10 -15.25
CA ASP B 160 -1.24 14.01 -15.51
C ASP B 160 -1.89 13.53 -16.81
N MET B 161 -2.84 12.61 -16.67
CA MET B 161 -3.56 12.03 -17.79
C MET B 161 -4.91 12.71 -17.97
N ASP B 162 -5.41 12.69 -19.20
CA ASP B 162 -6.63 13.41 -19.54
C ASP B 162 -7.59 12.59 -20.38
N HIS B 163 -7.32 11.32 -20.59
CA HIS B 163 -8.10 10.55 -21.56
C HIS B 163 -8.17 9.09 -21.14
N GLY B 164 -9.40 8.59 -21.01
CA GLY B 164 -9.63 7.18 -20.66
C GLY B 164 -9.71 6.30 -21.91
N VAL B 165 -9.00 5.19 -21.87
CA VAL B 165 -8.99 4.24 -22.96
C VAL B 165 -8.99 2.85 -22.34
N LEU B 166 -8.73 1.83 -23.16
CA LEU B 166 -8.89 0.44 -22.74
C LEU B 166 -7.71 -0.39 -23.25
N VAL B 167 -6.96 -0.97 -22.32
CA VAL B 167 -5.89 -1.89 -22.69
C VAL B 167 -6.48 -3.28 -22.89
N VAL B 168 -6.32 -3.81 -24.11
CA VAL B 168 -6.85 -5.13 -24.48
C VAL B 168 -5.74 -6.17 -24.63
N GLY B 169 -4.49 -5.79 -24.39
CA GLY B 169 -3.42 -6.77 -24.48
C GLY B 169 -2.08 -6.07 -24.50
N TYR B 170 -1.03 -6.85 -24.81
CA TYR B 170 0.31 -6.33 -24.97
C TYR B 170 1.06 -7.28 -25.89
N GLY B 171 2.15 -6.79 -26.44
CA GLY B 171 2.96 -7.61 -27.32
C GLY B 171 4.31 -6.96 -27.59
N PHE B 172 4.98 -7.48 -28.61
CA PHE B 172 6.26 -6.92 -29.04
C PHE B 172 6.34 -7.03 -30.55
N GLU B 173 7.42 -6.49 -31.12
CA GLU B 173 7.73 -6.64 -32.55
C GLU B 173 9.19 -6.92 -32.75
N ASN B 180 10.96 -3.67 -28.31
CA ASN B 180 9.89 -3.00 -29.05
C ASN B 180 8.54 -3.44 -28.51
N LYS B 181 8.34 -3.28 -27.20
CA LYS B 181 7.13 -3.71 -26.52
C LYS B 181 6.06 -2.61 -26.58
N TYR B 182 4.81 -3.03 -26.54
CA TYR B 182 3.72 -2.07 -26.63
C TYR B 182 2.48 -2.60 -25.92
N TRP B 183 1.63 -1.66 -25.49
CA TRP B 183 0.30 -1.97 -24.99
C TRP B 183 -0.68 -1.80 -26.14
N LEU B 184 -1.60 -2.76 -26.28
CA LEU B 184 -2.63 -2.67 -27.31
C LEU B 184 -3.86 -1.98 -26.72
N VAL B 185 -4.22 -0.83 -27.26
CA VAL B 185 -5.16 0.10 -26.65
C VAL B 185 -6.32 0.43 -27.60
N LYS B 186 -7.52 0.25 -27.10
CA LYS B 186 -8.72 0.63 -27.80
C LYS B 186 -9.11 2.05 -27.41
N ASN B 187 -9.28 2.91 -28.41
CA ASN B 187 -9.75 4.27 -28.25
C ASN B 187 -11.24 4.31 -28.59
N SER B 188 -11.85 5.48 -28.41
CA SER B 188 -13.28 5.67 -28.64
C SER B 188 -13.52 6.80 -29.62
N TRP B 189 -12.63 6.92 -30.62
CA TRP B 189 -12.69 8.01 -31.59
C TRP B 189 -13.07 7.50 -32.97
N GLY B 190 -13.73 6.34 -33.05
CA GLY B 190 -14.13 5.80 -34.33
C GLY B 190 -13.02 4.99 -34.98
N GLU B 191 -13.38 4.35 -36.10
CA GLU B 191 -12.48 3.48 -36.82
C GLU B 191 -11.47 4.23 -37.66
N GLU B 192 -11.78 5.46 -38.10
CA GLU B 192 -10.86 6.23 -38.91
C GLU B 192 -9.64 6.70 -38.12
N TRP B 193 -9.75 6.81 -36.81
CA TRP B 193 -8.62 7.26 -36.01
C TRP B 193 -7.64 6.10 -35.79
N GLY B 194 -6.35 6.42 -35.80
CA GLY B 194 -5.33 5.44 -35.51
C GLY B 194 -5.39 4.23 -36.42
N MET B 195 -5.15 3.07 -35.82
CA MET B 195 -5.07 1.81 -36.54
C MET B 195 -6.43 1.12 -36.38
N GLY B 196 -7.34 1.41 -37.31
CA GLY B 196 -8.72 0.96 -37.16
C GLY B 196 -9.31 1.26 -35.79
N GLY B 197 -8.91 2.38 -35.19
CA GLY B 197 -9.39 2.75 -33.88
C GLY B 197 -8.51 2.33 -32.72
N TYR B 198 -7.47 1.56 -32.97
CA TYR B 198 -6.55 1.13 -31.94
C TYR B 198 -5.23 1.89 -32.00
N VAL B 199 -4.43 1.75 -30.94
CA VAL B 199 -3.10 2.34 -30.87
C VAL B 199 -2.18 1.41 -30.09
N LYS B 200 -0.98 1.20 -30.62
CA LYS B 200 0.09 0.47 -29.93
C LYS B 200 0.90 1.48 -29.13
N MET B 201 0.77 1.46 -27.81
N MET B 201 0.76 1.48 -27.81
CA MET B 201 1.42 2.41 -26.91
CA MET B 201 1.43 2.45 -26.97
C MET B 201 2.70 1.83 -26.34
C MET B 201 2.69 1.85 -26.33
N ALA B 202 3.76 2.64 -26.29
CA ALA B 202 5.04 2.18 -25.79
C ALA B 202 4.92 1.56 -24.40
N LYS B 203 5.49 0.36 -24.24
CA LYS B 203 5.37 -0.43 -23.02
C LYS B 203 6.75 -0.52 -22.36
N ASP B 204 6.77 -0.40 -21.04
CA ASP B 204 8.01 -0.47 -20.26
C ASP B 204 8.97 0.62 -20.68
N ARG B 205 8.43 1.79 -20.97
CA ARG B 205 9.23 2.95 -21.36
C ARG B 205 8.92 4.10 -20.39
N ARG B 206 9.19 3.88 -19.10
CA ARG B 206 9.01 4.91 -18.07
C ARG B 206 7.54 5.24 -17.87
N ASN B 207 6.68 4.23 -17.86
CA ASN B 207 5.24 4.43 -17.68
C ASN B 207 4.73 5.48 -18.67
N HIS B 208 4.97 5.18 -19.94
CA HIS B 208 4.76 6.16 -20.99
C HIS B 208 3.33 6.67 -20.98
N CYS B 209 3.19 7.99 -20.96
CA CYS B 209 1.89 8.68 -20.97
C CYS B 209 1.01 8.33 -19.76
N GLY B 210 1.60 7.79 -18.69
CA GLY B 210 0.85 7.48 -17.49
C GLY B 210 -0.09 6.30 -17.57
N ILE B 211 0.17 5.35 -18.47
CA ILE B 211 -0.81 4.30 -18.75
C ILE B 211 -1.06 3.43 -17.53
N ALA B 212 -0.10 3.33 -16.61
CA ALA B 212 -0.24 2.50 -15.42
C ALA B 212 -0.56 3.32 -14.17
N SER B 213 -0.88 4.61 -14.33
CA SER B 213 -1.05 5.47 -13.18
C SER B 213 -2.49 5.53 -12.68
N ALA B 214 -3.45 5.12 -13.50
CA ALA B 214 -4.86 5.16 -13.13
C ALA B 214 -5.58 3.99 -13.80
N ALA B 215 -5.11 2.78 -13.52
CA ALA B 215 -5.61 1.59 -14.18
C ALA B 215 -6.57 0.86 -13.26
N SER B 216 -7.69 0.39 -13.80
CA SER B 216 -8.70 -0.20 -12.93
C SER B 216 -9.64 -1.06 -13.77
N TYR B 217 -10.44 -1.86 -13.09
CA TYR B 217 -11.44 -2.69 -13.75
C TYR B 217 -12.52 -3.05 -12.74
N PRO B 218 -13.72 -3.41 -13.21
CA PRO B 218 -14.82 -3.68 -12.29
C PRO B 218 -14.77 -5.10 -11.75
N THR B 219 -15.27 -5.22 -10.51
CA THR B 219 -15.38 -6.50 -9.82
C THR B 219 -16.65 -7.20 -10.26
N VAL B 220 -16.50 -8.30 -11.01
CA VAL B 220 -17.68 -9.03 -11.51
C VAL B 220 -17.60 -10.50 -11.11
N PRO C 2 28.15 12.39 18.62
CA PRO C 2 27.17 12.94 19.57
C PRO C 2 26.37 11.86 20.27
N ARG C 3 25.34 12.26 21.04
CA ARG C 3 24.54 11.29 21.79
C ARG C 3 23.50 10.59 20.91
N SER C 4 22.91 11.31 19.97
CA SER C 4 21.91 10.76 19.05
C SER C 4 22.15 11.35 17.67
N VAL C 5 21.75 10.60 16.65
CA VAL C 5 21.95 11.00 15.26
C VAL C 5 20.73 10.55 14.46
N ASP C 6 20.25 11.44 13.58
CA ASP C 6 19.16 11.09 12.66
C ASP C 6 19.37 11.89 11.38
N TRP C 7 20.05 11.27 10.41
CA TRP C 7 20.37 11.95 9.16
C TRP C 7 19.13 12.30 8.34
N ARG C 8 17.97 11.67 8.63
CA ARG C 8 16.74 12.12 7.98
C ARG C 8 16.46 13.59 8.27
N GLU C 9 16.83 14.07 9.44
CA GLU C 9 16.50 15.42 9.86
C GLU C 9 17.40 16.48 9.23
N LYS C 10 18.37 16.06 8.43
CA LYS C 10 19.23 17.00 7.72
C LYS C 10 19.07 16.88 6.21
N GLY C 11 18.16 16.03 5.74
CA GLY C 11 17.83 15.96 4.33
C GLY C 11 18.59 14.93 3.54
N TYR C 12 19.22 13.95 4.21
CA TYR C 12 20.05 12.94 3.56
C TYR C 12 19.29 11.73 3.04
N VAL C 13 18.01 11.55 3.39
CA VAL C 13 17.36 10.24 3.21
C VAL C 13 16.07 10.40 2.43
N THR C 14 15.97 9.68 1.32
CA THR C 14 14.75 9.66 0.50
C THR C 14 13.67 8.86 1.22
N PRO C 15 12.41 8.95 0.77
CA PRO C 15 11.33 8.19 1.39
C PRO C 15 11.55 6.69 1.28
N VAL C 16 10.77 5.97 2.07
CA VAL C 16 10.83 4.50 2.08
C VAL C 16 10.33 3.95 0.75
N LYS C 17 11.09 3.00 0.19
CA LYS C 17 10.75 2.30 -1.05
C LYS C 17 10.38 0.85 -0.75
N ASN C 18 9.76 0.20 -1.74
CA ASN C 18 9.32 -1.19 -1.62
C ASN C 18 9.96 -2.04 -2.72
N GLN C 19 10.83 -2.97 -2.34
CA GLN C 19 11.50 -3.82 -3.31
C GLN C 19 10.58 -4.87 -3.96
N GLY C 20 9.37 -5.04 -3.45
CA GLY C 20 8.49 -6.06 -4.02
C GLY C 20 9.01 -7.46 -3.80
N GLN C 21 8.55 -8.37 -4.67
CA GLN C 21 8.95 -9.77 -4.63
C GLN C 21 10.21 -10.05 -5.47
N CYS C 22 11.18 -9.15 -5.44
CA CYS C 22 12.47 -9.32 -6.10
C CYS C 22 13.54 -9.24 -5.02
N GLY C 23 14.49 -10.19 -5.04
CA GLY C 23 15.53 -10.18 -4.03
C GLY C 23 16.56 -9.09 -4.26
N SER C 24 16.14 -7.83 -4.20
CA SER C 24 16.99 -6.72 -4.55
C SER C 24 17.30 -5.82 -3.37
N TRP C 26 19.80 -5.59 -1.52
CA TRP C 26 21.16 -5.07 -1.68
C TRP C 26 21.18 -3.79 -2.50
N ALA C 27 20.28 -3.70 -3.46
CA ALA C 27 20.25 -2.52 -4.34
C ALA C 27 19.65 -1.29 -3.65
N PHE C 28 18.59 -1.50 -2.85
CA PHE C 28 17.99 -0.39 -2.12
C PHE C 28 18.91 0.10 -1.02
N SER C 29 19.67 -0.81 -0.40
CA SER C 29 20.63 -0.43 0.62
C SER C 29 21.73 0.42 0.01
N ALA C 30 22.16 0.07 -1.22
CA ALA C 30 23.21 0.82 -1.88
C ALA C 30 22.74 2.20 -2.30
N THR C 31 21.60 2.28 -2.98
CA THR C 31 21.06 3.59 -3.34
C THR C 31 20.88 4.48 -2.12
N GLY C 32 20.38 3.93 -1.02
CA GLY C 32 20.23 4.75 0.19
C GLY C 32 21.56 5.34 0.66
N ALA C 33 22.64 4.54 0.65
CA ALA C 33 23.93 5.04 1.13
C ALA C 33 24.52 6.04 0.15
N LEU C 34 24.30 5.81 -1.14
CA LEU C 34 24.82 6.70 -2.15
C LEU C 34 23.98 7.97 -2.22
N GLU C 35 22.65 7.86 -2.03
CA GLU C 35 21.83 9.06 -1.93
C GLU C 35 22.39 9.98 -0.86
N GLY C 36 22.77 9.41 0.29
CA GLY C 36 23.31 10.19 1.39
C GLY C 36 24.64 10.82 1.10
N GLN C 37 25.58 10.04 0.53
CA GLN C 37 26.89 10.61 0.26
C GLN C 37 26.79 11.64 -0.88
N MET C 38 25.92 11.39 -1.86
CA MET C 38 25.71 12.39 -2.90
C MET C 38 25.15 13.69 -2.29
N PHE C 39 24.23 13.59 -1.33
CA PHE C 39 23.73 14.78 -0.67
C PHE C 39 24.84 15.49 0.07
N ARG C 40 25.66 14.74 0.81
CA ARG C 40 26.75 15.38 1.55
C ARG C 40 27.70 16.15 0.63
N LYS C 41 27.73 15.79 -0.66
CA LYS C 41 28.67 16.36 -1.61
C LYS C 41 28.08 17.50 -2.40
N THR C 42 26.78 17.45 -2.72
CA THR C 42 26.14 18.43 -3.58
C THR C 42 24.99 19.19 -2.94
N GLY C 43 24.52 18.77 -1.78
CA GLY C 43 23.34 19.42 -1.20
C GLY C 43 22.06 19.12 -1.96
N ARG C 44 22.03 18.07 -2.76
CA ARG C 44 20.86 17.69 -3.54
C ARG C 44 20.49 16.25 -3.22
N LEU C 45 19.24 16.04 -2.77
CA LEU C 45 18.72 14.70 -2.50
C LEU C 45 17.97 14.24 -3.74
N ILE C 46 18.54 13.27 -4.45
CA ILE C 46 17.96 12.70 -5.68
C ILE C 46 17.83 11.19 -5.53
N SER C 47 16.61 10.70 -5.63
CA SER C 47 16.39 9.26 -5.52
C SER C 47 17.08 8.54 -6.70
N LEU C 48 17.77 7.45 -6.37
CA LEU C 48 18.58 6.71 -7.34
C LEU C 48 17.92 5.38 -7.75
N SER C 49 18.34 4.86 -8.91
CA SER C 49 17.66 3.74 -9.55
C SER C 49 18.19 2.39 -9.04
N GLU C 50 17.36 1.66 -8.30
CA GLU C 50 17.67 0.28 -7.98
C GLU C 50 17.55 -0.62 -9.19
N GLN C 51 16.64 -0.31 -10.11
CA GLN C 51 16.49 -1.09 -11.32
C GLN C 51 17.77 -1.06 -12.16
N ASN C 52 18.44 0.10 -12.19
CA ASN C 52 19.75 0.25 -12.81
C ASN C 52 20.73 -0.78 -12.24
N LEU C 53 20.75 -0.93 -10.91
CA LEU C 53 21.70 -1.85 -10.32
C LEU C 53 21.29 -3.29 -10.59
N VAL C 54 20.00 -3.61 -10.45
CA VAL C 54 19.51 -4.96 -10.70
C VAL C 54 19.86 -5.43 -12.11
N ASP C 55 19.65 -4.56 -13.10
CA ASP C 55 19.78 -4.94 -14.50
C ASP C 55 21.22 -4.98 -14.98
N CYS C 56 22.12 -4.22 -14.36
CA CYS C 56 23.39 -3.88 -14.96
C CYS C 56 24.62 -4.33 -14.19
N SER C 57 24.49 -4.69 -12.89
CA SER C 57 25.68 -4.90 -12.05
C SER C 57 26.08 -6.37 -11.95
N GLY C 58 25.51 -7.23 -12.80
CA GLY C 58 25.95 -8.61 -12.85
C GLY C 58 27.40 -8.80 -13.10
N PRO C 59 28.07 -7.94 -13.92
CA PRO C 59 29.51 -8.12 -14.17
C PRO C 59 30.34 -7.88 -12.92
N GLN C 60 29.79 -7.20 -11.94
CA GLN C 60 30.47 -6.97 -10.66
C GLN C 60 30.19 -8.08 -9.63
N GLY C 61 29.35 -9.05 -9.97
CA GLY C 61 29.07 -10.16 -9.08
C GLY C 61 27.68 -10.19 -8.49
N ASN C 62 26.80 -9.22 -8.83
CA ASN C 62 25.42 -9.27 -8.36
C ASN C 62 24.60 -10.19 -9.29
N GLU C 63 23.50 -10.72 -8.76
CA GLU C 63 22.65 -11.66 -9.46
C GLU C 63 21.21 -11.16 -9.51
N GLY C 64 21.02 -9.86 -9.67
CA GLY C 64 19.68 -9.32 -9.91
C GLY C 64 18.73 -9.62 -8.77
N CYS C 65 17.57 -10.20 -9.11
CA CYS C 65 16.56 -10.52 -8.12
C CYS C 65 16.90 -11.73 -7.29
N ASN C 66 18.02 -12.40 -7.58
CA ASN C 66 18.48 -13.54 -6.82
C ASN C 66 19.52 -13.18 -5.79
N GLY C 67 19.82 -11.90 -5.61
CA GLY C 67 20.70 -11.47 -4.53
C GLY C 67 21.88 -10.67 -5.04
N GLY C 68 22.61 -10.11 -4.08
CA GLY C 68 23.72 -9.25 -4.38
C GLY C 68 24.35 -8.68 -3.13
N LEU C 69 25.29 -7.76 -3.34
CA LEU C 69 26.06 -7.16 -2.25
C LEU C 69 26.17 -5.66 -2.49
N MET C 70 25.97 -4.88 -1.42
CA MET C 70 26.06 -3.44 -1.57
C MET C 70 27.42 -3.02 -2.16
N ASP C 71 28.50 -3.70 -1.75
CA ASP C 71 29.82 -3.31 -2.22
C ASP C 71 29.95 -3.54 -3.73
N TYR C 72 29.33 -4.61 -4.23
CA TYR C 72 29.37 -4.86 -5.67
C TYR C 72 28.57 -3.80 -6.42
N ALA C 73 27.49 -3.30 -5.79
CA ALA C 73 26.75 -2.17 -6.35
C ALA C 73 27.60 -0.92 -6.41
N PHE C 74 28.38 -0.64 -5.35
CA PHE C 74 29.25 0.53 -5.37
C PHE C 74 30.33 0.37 -6.44
N GLN C 75 30.86 -0.86 -6.60
CA GLN C 75 31.85 -1.10 -7.65
C GLN C 75 31.25 -0.82 -9.02
N TYR C 76 30.02 -1.32 -9.27
CA TYR C 76 29.37 -1.05 -10.54
C TYR C 76 29.35 0.45 -10.83
N VAL C 77 28.88 1.26 -9.88
CA VAL C 77 28.79 2.68 -10.12
C VAL C 77 30.17 3.25 -10.46
N GLN C 78 31.21 2.76 -9.81
CA GLN C 78 32.57 3.20 -10.12
C GLN C 78 32.99 2.75 -11.52
N ASP C 79 32.80 1.47 -11.83
CA ASP C 79 33.20 0.96 -13.14
C ASP C 79 32.39 1.60 -14.27
N ASN C 80 31.10 1.87 -14.01
CA ASN C 80 30.18 2.37 -15.01
C ASN C 80 30.30 3.87 -15.20
N GLY C 81 30.94 4.58 -14.27
CA GLY C 81 31.04 6.03 -14.32
C GLY C 81 29.74 6.77 -14.06
N GLY C 82 28.72 6.12 -13.53
CA GLY C 82 27.48 6.81 -13.21
C GLY C 82 26.38 5.85 -12.78
N LEU C 83 25.26 6.46 -12.40
CA LEU C 83 24.06 5.73 -11.96
C LEU C 83 22.86 6.64 -12.25
N ASP C 84 21.81 6.05 -12.81
CA ASP C 84 20.67 6.83 -13.26
C ASP C 84 19.75 7.15 -12.07
N SER C 85 18.89 8.14 -12.25
CA SER C 85 17.95 8.51 -11.23
C SER C 85 16.80 7.52 -11.20
N GLU C 86 16.16 7.44 -10.03
CA GLU C 86 14.95 6.64 -9.91
C GLU C 86 13.90 7.09 -10.91
N GLU C 87 13.75 8.40 -11.05
CA GLU C 87 12.71 8.95 -11.92
C GLU C 87 12.96 8.59 -13.38
N SER C 88 14.21 8.53 -13.79
CA SER C 88 14.53 8.20 -15.18
C SER C 88 14.55 6.70 -15.45
N TYR C 89 14.75 5.88 -14.42
CA TYR C 89 14.97 4.43 -14.56
C TYR C 89 14.19 3.76 -13.43
N PRO C 90 12.86 3.79 -13.50
CA PRO C 90 12.04 3.40 -12.33
C PRO C 90 12.12 1.89 -12.07
N TYR C 91 11.60 1.52 -10.89
CA TYR C 91 11.73 0.17 -10.36
C TYR C 91 10.56 -0.68 -10.82
N GLU C 92 10.86 -1.89 -11.27
CA GLU C 92 9.85 -2.80 -11.79
C GLU C 92 9.83 -4.16 -11.10
N ALA C 93 10.73 -4.39 -10.15
CA ALA C 93 10.76 -5.62 -9.37
C ALA C 93 10.97 -6.86 -10.23
N THR C 94 11.66 -6.71 -11.35
CA THR C 94 12.04 -7.84 -12.20
C THR C 94 13.38 -7.52 -12.85
N GLU C 95 14.14 -8.57 -13.14
CA GLU C 95 15.46 -8.41 -13.73
C GLU C 95 15.35 -8.41 -15.24
N GLU C 96 16.00 -7.43 -15.87
CA GLU C 96 15.90 -7.24 -17.30
C GLU C 96 17.25 -6.79 -17.84
N SER C 97 17.30 -6.54 -19.14
CA SER C 97 18.51 -6.02 -19.75
C SER C 97 18.83 -4.62 -19.22
N CYS C 98 20.10 -4.24 -19.34
CA CYS C 98 20.58 -2.97 -18.82
C CYS C 98 20.11 -1.83 -19.73
N LYS C 99 19.42 -0.85 -19.15
CA LYS C 99 18.96 0.32 -19.90
C LYS C 99 19.67 1.59 -19.47
N TYR C 100 20.83 1.48 -18.84
CA TYR C 100 21.52 2.66 -18.34
C TYR C 100 21.75 3.69 -19.43
N ASN C 101 21.34 4.93 -19.16
CA ASN C 101 21.61 6.05 -20.06
C ASN C 101 22.50 7.07 -19.37
N PRO C 102 23.73 7.29 -19.83
CA PRO C 102 24.62 8.22 -19.10
C PRO C 102 24.15 9.67 -19.15
N LYS C 103 23.28 10.04 -20.09
CA LYS C 103 22.68 11.37 -20.06
C LYS C 103 21.93 11.63 -18.75
N TYR C 104 21.42 10.58 -18.11
CA TYR C 104 20.59 10.74 -16.92
C TYR C 104 21.30 10.32 -15.65
N SER C 105 22.62 10.17 -15.69
CA SER C 105 23.37 9.84 -14.49
C SER C 105 23.34 11.02 -13.55
N VAL C 106 23.02 10.76 -12.27
CA VAL C 106 23.01 11.79 -11.25
C VAL C 106 23.95 11.48 -10.10
N ALA C 107 24.80 10.47 -10.26
CA ALA C 107 25.57 9.99 -9.11
C ALA C 107 26.82 9.28 -9.61
N ASN C 108 27.86 9.29 -8.77
CA ASN C 108 29.15 8.65 -9.05
C ASN C 108 29.77 8.25 -7.72
N ASP C 109 30.70 7.30 -7.77
CA ASP C 109 31.57 7.06 -6.63
C ASP C 109 32.90 6.53 -7.12
N ALA C 110 33.88 6.54 -6.22
CA ALA C 110 35.24 6.10 -6.52
C ALA C 110 35.59 4.84 -5.75
N GLY C 111 34.59 4.03 -5.42
CA GLY C 111 34.77 2.83 -4.63
C GLY C 111 33.96 2.90 -3.34
N PHE C 112 34.51 2.29 -2.30
CA PHE C 112 33.75 2.07 -1.08
C PHE C 112 34.72 1.82 0.07
N VAL C 113 34.21 2.02 1.28
CA VAL C 113 34.96 1.78 2.50
C VAL C 113 34.19 0.74 3.31
N ASP C 114 34.86 -0.35 3.67
CA ASP C 114 34.29 -1.32 4.58
C ASP C 114 34.67 -0.97 6.02
N ILE C 115 33.68 -0.88 6.90
CA ILE C 115 33.87 -0.42 8.26
C ILE C 115 34.33 -1.57 9.14
N PRO C 116 35.23 -1.35 10.10
CA PRO C 116 35.58 -2.43 11.03
C PRO C 116 34.34 -3.09 11.61
N LYS C 117 34.48 -4.36 11.97
CA LYS C 117 33.31 -5.18 12.30
C LYS C 117 32.97 -5.13 13.78
N GLN C 118 32.61 -3.94 14.24
CA GLN C 118 32.10 -3.79 15.60
C GLN C 118 31.36 -2.45 15.71
N GLU C 119 30.42 -2.38 16.66
CA GLU C 119 29.41 -1.34 16.63
C GLU C 119 30.00 0.04 16.94
N LYS C 120 31.12 0.10 17.67
CA LYS C 120 31.70 1.41 17.95
C LYS C 120 32.22 2.06 16.67
N ALA C 121 32.85 1.28 15.80
CA ALA C 121 33.26 1.81 14.52
C ALA C 121 32.05 2.19 13.67
N LEU C 122 30.96 1.42 13.76
CA LEU C 122 29.75 1.77 13.03
C LEU C 122 29.15 3.07 13.56
N MET C 123 29.15 3.26 14.87
CA MET C 123 28.62 4.50 15.44
C MET C 123 29.43 5.69 14.93
N LYS C 124 30.76 5.59 15.00
CA LYS C 124 31.60 6.69 14.53
C LYS C 124 31.40 6.93 13.04
N ALA C 125 31.18 5.88 12.26
CA ALA C 125 30.92 6.05 10.83
C ALA C 125 29.60 6.79 10.61
N VAL C 126 28.55 6.36 11.28
CA VAL C 126 27.26 7.06 11.21
C VAL C 126 27.39 8.49 11.69
N ALA C 127 28.16 8.73 12.75
CA ALA C 127 28.27 10.07 13.31
C ALA C 127 29.00 11.02 12.38
N THR C 128 29.92 10.51 11.57
CA THR C 128 30.82 11.35 10.81
C THR C 128 30.65 11.28 9.30
N VAL C 129 30.02 10.22 8.77
CA VAL C 129 29.90 10.02 7.34
C VAL C 129 28.49 10.32 6.85
N GLY C 130 27.48 9.69 7.46
CA GLY C 130 26.14 9.70 6.92
C GLY C 130 25.50 8.34 7.03
N PRO C 131 24.41 8.11 6.29
CA PRO C 131 23.80 6.77 6.28
C PRO C 131 24.78 5.72 5.76
N ILE C 132 24.70 4.54 6.39
CA ILE C 132 25.63 3.45 6.14
C ILE C 132 24.85 2.21 5.73
N SER C 133 25.27 1.58 4.64
CA SER C 133 24.75 0.27 4.23
C SER C 133 25.23 -0.80 5.22
N VAL C 134 24.32 -1.68 5.61
CA VAL C 134 24.63 -2.77 6.52
C VAL C 134 23.81 -3.99 6.11
N ALA C 135 24.28 -5.17 6.53
CA ALA C 135 23.48 -6.39 6.43
C ALA C 135 23.09 -6.86 7.82
N ILE C 136 21.89 -7.44 7.95
CA ILE C 136 21.39 -8.00 9.19
C ILE C 136 20.81 -9.39 8.95
N ASP C 137 20.70 -10.15 10.03
CA ASP C 137 19.90 -11.37 10.04
C ASP C 137 18.43 -10.98 10.19
N ALA C 138 17.70 -10.96 9.08
CA ALA C 138 16.26 -10.68 9.09
C ALA C 138 15.41 -11.94 8.98
N GLY C 139 16.02 -13.13 9.02
CA GLY C 139 15.28 -14.38 8.87
C GLY C 139 14.49 -14.83 10.09
N HIS C 140 13.72 -13.94 10.67
CA HIS C 140 12.93 -14.26 11.86
C HIS C 140 11.57 -13.62 11.75
N GLU C 141 10.53 -14.39 12.16
CA GLU C 141 9.17 -13.87 12.11
C GLU C 141 9.01 -12.64 12.99
N SER C 142 9.75 -12.56 14.10
CA SER C 142 9.73 -11.34 14.89
C SER C 142 10.09 -10.12 14.05
N PHE C 143 10.96 -10.29 13.05
CA PHE C 143 11.37 -9.17 12.20
C PHE C 143 10.31 -8.89 11.15
N LEU C 144 9.72 -9.92 10.55
CA LEU C 144 8.65 -9.69 9.58
C LEU C 144 7.51 -8.88 10.19
N PHE C 145 7.16 -9.15 11.46
CA PHE C 145 5.99 -8.55 12.08
C PHE C 145 6.33 -7.40 13.02
N TYR C 146 7.58 -6.94 13.03
CA TYR C 146 7.92 -5.77 13.84
C TYR C 146 6.99 -4.61 13.51
N LYS C 147 6.60 -3.83 14.54
CA LYS C 147 5.81 -2.62 14.35
C LYS C 147 6.39 -1.37 15.00
N GLU C 148 6.98 -1.48 16.18
CA GLU C 148 7.59 -0.31 16.83
C GLU C 148 8.38 -0.78 18.05
N GLY C 149 9.02 0.18 18.72
CA GLY C 149 9.90 -0.14 19.83
C GLY C 149 11.28 -0.52 19.36
N ILE C 150 12.09 -1.02 20.30
CA ILE C 150 13.45 -1.45 19.98
C ILE C 150 13.44 -2.94 19.70
N TYR C 151 13.75 -3.30 18.46
CA TYR C 151 13.73 -4.69 18.02
C TYR C 151 14.86 -5.47 18.69
N PHE C 152 14.52 -6.59 19.32
CA PHE C 152 15.50 -7.47 19.93
C PHE C 152 15.03 -8.91 19.79
N GLU C 153 15.79 -9.70 19.05
CA GLU C 153 15.49 -11.11 18.78
C GLU C 153 16.55 -12.00 19.40
N PRO C 154 16.25 -12.75 20.47
CA PRO C 154 17.30 -13.56 21.11
C PRO C 154 17.96 -14.58 20.20
N ASP C 155 17.32 -14.97 19.10
CA ASP C 155 17.88 -15.98 18.22
C ASP C 155 18.55 -15.40 16.98
N CYS C 156 18.95 -14.13 17.03
CA CYS C 156 19.59 -13.50 15.89
C CYS C 156 21.07 -13.88 15.85
N SER C 157 21.60 -14.00 14.63
CA SER C 157 22.99 -14.32 14.40
C SER C 157 23.78 -13.08 14.02
N SER C 158 25.00 -12.96 14.55
CA SER C 158 25.90 -11.87 14.21
C SER C 158 26.81 -12.18 13.03
N GLU C 159 26.64 -13.34 12.40
CA GLU C 159 27.46 -13.67 11.24
C GLU C 159 26.69 -14.28 10.09
N ASP C 160 25.39 -14.55 10.25
CA ASP C 160 24.58 -15.13 9.20
C ASP C 160 23.55 -14.13 8.72
N MET C 161 24.01 -12.98 8.22
CA MET C 161 23.11 -11.95 7.75
C MET C 161 22.61 -12.29 6.35
N ASP C 162 21.39 -11.88 6.07
CA ASP C 162 20.74 -12.20 4.81
C ASP C 162 19.98 -11.03 4.21
N HIS C 163 20.08 -9.84 4.76
CA HIS C 163 19.22 -8.74 4.34
C HIS C 163 19.98 -7.44 4.44
N GLY C 164 20.06 -6.71 3.32
CA GLY C 164 20.70 -5.40 3.28
C GLY C 164 19.73 -4.29 3.65
N VAL C 165 20.15 -3.44 4.57
CA VAL C 165 19.34 -2.31 5.00
C VAL C 165 20.27 -1.11 5.19
N LEU C 166 19.75 0.01 5.73
CA LEU C 166 20.46 1.27 5.77
C LEU C 166 20.33 1.88 7.16
N VAL C 167 21.47 2.14 7.80
CA VAL C 167 21.47 2.80 9.11
C VAL C 167 21.48 4.31 8.89
N VAL C 168 20.42 4.98 9.35
CA VAL C 168 20.30 6.43 9.16
C VAL C 168 20.63 7.21 10.42
N GLY C 169 20.84 6.53 11.54
CA GLY C 169 21.23 7.21 12.76
C GLY C 169 21.17 6.26 13.93
N TYR C 170 21.19 6.84 15.13
CA TYR C 170 21.13 6.09 16.36
C TYR C 170 20.60 7.02 17.47
N GLY C 171 20.20 6.41 18.56
CA GLY C 171 19.68 7.18 19.66
C GLY C 171 19.50 6.34 20.89
N PHE C 172 18.63 6.84 21.78
CA PHE C 172 18.39 6.15 23.05
C PHE C 172 17.01 6.59 23.52
N GLU C 173 16.45 5.80 24.44
CA GLU C 173 15.16 6.11 25.06
C GLU C 173 15.34 6.47 26.52
N ASN C 180 18.94 1.08 26.57
CA ASN C 180 17.92 1.86 25.89
C ASN C 180 18.29 2.35 24.49
N LYS C 181 19.42 1.88 23.96
CA LYS C 181 19.98 2.42 22.73
C LYS C 181 19.62 1.58 21.50
N TYR C 182 19.47 2.26 20.37
CA TYR C 182 19.01 1.59 19.16
C TYR C 182 19.69 2.21 17.95
N TRP C 183 19.75 1.41 16.88
CA TRP C 183 20.09 1.89 15.54
C TRP C 183 18.80 2.21 14.81
N LEU C 184 18.74 3.39 14.17
CA LEU C 184 17.63 3.75 13.29
C LEU C 184 17.90 3.22 11.88
N VAL C 185 17.01 2.37 11.39
CA VAL C 185 17.27 1.53 10.21
C VAL C 185 16.13 1.67 9.22
N LYS C 186 16.47 2.05 8.01
CA LYS C 186 15.53 2.10 6.90
C LYS C 186 15.50 0.76 6.18
N ASN C 187 14.31 0.18 6.07
CA ASN C 187 14.08 -1.04 5.32
C ASN C 187 13.57 -0.69 3.92
N SER C 188 13.39 -1.73 3.08
CA SER C 188 12.89 -1.56 1.73
C SER C 188 11.69 -2.47 1.47
N TRP C 189 10.83 -2.61 2.49
CA TRP C 189 9.59 -3.35 2.34
C TRP C 189 8.37 -2.44 2.35
N GLY C 190 8.55 -1.17 1.99
CA GLY C 190 7.44 -0.24 1.90
C GLY C 190 7.10 0.39 3.25
N GLU C 191 6.21 1.38 3.18
CA GLU C 191 5.82 2.16 4.35
C GLU C 191 4.99 1.36 5.33
N GLU C 192 4.26 0.36 4.85
CA GLU C 192 3.33 -0.37 5.70
C GLU C 192 4.04 -1.32 6.66
N TRP C 193 5.29 -1.63 6.42
CA TRP C 193 6.04 -2.52 7.29
C TRP C 193 6.65 -1.75 8.45
N GLY C 194 6.61 -2.35 9.62
CA GLY C 194 7.24 -1.79 10.79
C GLY C 194 6.73 -0.39 11.12
N MET C 195 7.66 0.51 11.42
CA MET C 195 7.37 1.86 11.89
C MET C 195 7.57 2.80 10.70
N GLY C 196 6.56 2.87 9.84
CA GLY C 196 6.67 3.62 8.60
C GLY C 196 7.80 3.18 7.71
N GLY C 197 8.12 1.89 7.70
CA GLY C 197 9.22 1.39 6.91
C GLY C 197 10.52 1.35 7.63
N TYR C 198 10.58 1.84 8.86
CA TYR C 198 11.79 1.86 9.67
C TYR C 198 11.70 0.89 10.83
N VAL C 199 12.85 0.59 11.41
CA VAL C 199 12.91 -0.28 12.59
C VAL C 199 14.05 0.19 13.48
N LYS C 200 13.79 0.28 14.77
CA LYS C 200 14.81 0.56 15.77
C LYS C 200 15.40 -0.77 16.23
N MET C 201 16.70 -0.96 15.99
N MET C 201 16.69 -0.97 15.98
CA MET C 201 17.38 -2.21 16.28
CA MET C 201 17.36 -2.23 16.30
C MET C 201 18.29 -2.03 17.49
C MET C 201 18.30 -2.05 17.47
N ALA C 202 18.28 -3.03 18.38
CA ALA C 202 19.09 -2.98 19.58
C ALA C 202 20.56 -2.68 19.27
N LYS C 203 21.09 -1.66 19.95
CA LYS C 203 22.44 -1.17 19.69
C LYS C 203 23.34 -1.47 20.89
N ASP C 204 24.60 -1.81 20.60
CA ASP C 204 25.58 -2.15 21.62
C ASP C 204 25.11 -3.31 22.47
N ARG C 205 24.44 -4.27 21.83
CA ARG C 205 24.02 -5.50 22.51
C ARG C 205 24.63 -6.69 21.82
N ARG C 206 25.97 -6.77 21.81
CA ARG C 206 26.71 -7.91 21.25
C ARG C 206 26.48 -8.03 19.73
N ASN C 207 26.58 -6.89 19.06
CA ASN C 207 26.47 -6.81 17.61
C ASN C 207 25.20 -7.53 17.14
N HIS C 208 24.08 -7.07 17.68
CA HIS C 208 22.83 -7.78 17.52
C HIS C 208 22.42 -7.89 16.06
N CYS C 209 22.11 -9.11 15.63
CA CYS C 209 21.70 -9.43 14.26
C CYS C 209 22.78 -9.11 13.24
N GLY C 210 24.01 -8.95 13.71
CA GLY C 210 25.14 -8.72 12.82
C GLY C 210 25.19 -7.37 12.16
N ILE C 211 24.50 -6.38 12.72
CA ILE C 211 24.34 -5.11 12.01
C ILE C 211 25.67 -4.41 11.74
N ALA C 212 26.72 -4.76 12.47
CA ALA C 212 28.03 -4.15 12.30
C ALA C 212 29.00 -5.08 11.58
N SER C 213 28.52 -6.19 11.02
CA SER C 213 29.39 -7.21 10.46
C SER C 213 29.63 -7.05 8.96
N ALA C 214 28.87 -6.22 8.28
CA ALA C 214 29.08 -5.99 6.85
C ALA C 214 28.64 -4.56 6.51
N ALA C 215 29.25 -3.59 7.20
CA ALA C 215 28.91 -2.19 7.02
C ALA C 215 29.89 -1.50 6.09
N SER C 216 29.36 -0.69 5.16
CA SER C 216 30.19 0.01 4.18
C SER C 216 29.43 1.21 3.63
N TYR C 217 30.16 2.10 2.97
CA TYR C 217 29.55 3.23 2.27
C TYR C 217 30.36 3.56 1.03
N PRO C 218 29.74 4.19 0.03
CA PRO C 218 30.49 4.58 -1.16
C PRO C 218 31.30 5.84 -0.89
N THR C 219 32.41 5.97 -1.63
CA THR C 219 33.26 7.14 -1.55
C THR C 219 32.98 8.04 -2.74
N VAL C 220 32.51 9.24 -2.49
CA VAL C 220 32.09 10.12 -3.59
C VAL C 220 33.09 11.26 -3.73
N ARG D 3 -21.93 -3.84 13.39
CA ARG D 3 -22.43 -5.13 13.87
C ARG D 3 -21.65 -6.30 13.29
N SER D 4 -21.62 -7.41 14.04
CA SER D 4 -21.00 -8.62 13.54
C SER D 4 -21.52 -9.82 14.32
N VAL D 5 -21.41 -11.00 13.65
CA VAL D 5 -21.44 -12.31 14.30
C VAL D 5 -20.01 -12.68 14.64
N ASP D 6 -19.78 -13.19 15.83
CA ASP D 6 -18.41 -13.47 16.28
C ASP D 6 -18.45 -14.65 17.26
N TRP D 7 -18.08 -15.83 16.76
CA TRP D 7 -18.15 -17.04 17.57
C TRP D 7 -17.13 -17.04 18.71
N ARG D 8 -16.14 -16.15 18.67
CA ARG D 8 -15.27 -15.98 19.83
C ARG D 8 -16.05 -15.56 21.07
N GLU D 9 -17.09 -14.73 20.89
CA GLU D 9 -17.89 -14.26 22.02
C GLU D 9 -18.74 -15.36 22.64
N LYS D 10 -19.02 -16.43 21.92
CA LYS D 10 -19.80 -17.54 22.45
C LYS D 10 -18.93 -18.68 22.99
N GLY D 11 -17.62 -18.54 23.00
CA GLY D 11 -16.77 -19.54 23.60
C GLY D 11 -16.26 -20.62 22.67
N TYR D 12 -16.43 -20.45 21.37
CA TYR D 12 -16.14 -21.49 20.40
C TYR D 12 -14.69 -21.55 19.93
N VAL D 13 -13.85 -20.55 20.24
CA VAL D 13 -12.57 -20.36 19.56
C VAL D 13 -11.42 -20.35 20.57
N THR D 14 -10.41 -21.18 20.31
CA THR D 14 -9.19 -21.17 21.11
C THR D 14 -8.31 -20.00 20.66
N PRO D 15 -7.28 -19.66 21.43
CA PRO D 15 -6.39 -18.57 21.03
C PRO D 15 -5.70 -18.87 19.70
N VAL D 16 -5.09 -17.82 19.13
CA VAL D 16 -4.36 -17.95 17.87
C VAL D 16 -3.14 -18.84 18.08
N LYS D 17 -2.87 -19.70 17.13
CA LYS D 17 -1.72 -20.59 17.17
C LYS D 17 -0.73 -20.20 16.06
N ASN D 18 0.41 -20.90 16.01
CA ASN D 18 1.50 -20.57 15.10
C ASN D 18 2.05 -21.85 14.50
N GLN D 19 1.81 -22.03 13.18
CA GLN D 19 2.27 -23.23 12.48
C GLN D 19 3.78 -23.24 12.24
N GLY D 20 4.47 -22.12 12.46
CA GLY D 20 5.88 -22.09 12.18
C GLY D 20 6.18 -22.39 10.71
N GLN D 21 7.36 -22.96 10.48
CA GLN D 21 7.88 -23.21 9.14
C GLN D 21 7.57 -24.64 8.69
N CYS D 22 6.29 -24.94 8.70
CA CYS D 22 5.72 -26.23 8.31
C CYS D 22 4.41 -25.92 7.60
N GLY D 23 4.26 -26.46 6.39
CA GLY D 23 3.08 -26.22 5.59
C GLY D 23 1.88 -26.99 6.08
N SER D 24 1.45 -26.68 7.29
CA SER D 24 0.40 -27.40 7.95
C SER D 24 -0.86 -26.55 8.19
N TRP D 26 -3.54 -26.36 6.88
CA TRP D 26 -4.74 -27.18 6.69
C TRP D 26 -5.15 -27.84 8.00
N ALA D 27 -4.15 -28.19 8.83
CA ALA D 27 -4.40 -28.82 10.11
C ALA D 27 -4.91 -27.81 11.15
N PHE D 28 -4.41 -26.60 11.14
CA PHE D 28 -4.92 -25.58 12.07
C PHE D 28 -6.32 -25.14 11.70
N SER D 29 -6.62 -25.03 10.42
CA SER D 29 -7.99 -24.74 9.96
C SER D 29 -8.94 -25.84 10.42
N ALA D 30 -8.52 -27.12 10.25
CA ALA D 30 -9.35 -28.24 10.66
C ALA D 30 -9.55 -28.30 12.16
N THR D 31 -8.47 -28.19 12.94
CA THR D 31 -8.66 -28.22 14.39
C THR D 31 -9.57 -27.07 14.82
N GLY D 32 -9.37 -25.90 14.24
CA GLY D 32 -10.22 -24.76 14.57
C GLY D 32 -11.69 -25.05 14.39
N ALA D 33 -12.05 -25.62 13.24
CA ALA D 33 -13.45 -25.95 12.99
C ALA D 33 -13.95 -27.05 13.92
N LEU D 34 -13.10 -28.01 14.26
CA LEU D 34 -13.53 -29.10 15.13
C LEU D 34 -13.66 -28.63 16.57
N GLU D 35 -12.75 -27.78 17.02
CA GLU D 35 -12.84 -27.21 18.35
C GLU D 35 -14.18 -26.53 18.56
N GLY D 36 -14.68 -25.84 17.53
CA GLY D 36 -15.96 -25.16 17.67
C GLY D 36 -17.14 -26.13 17.70
N GLN D 37 -17.10 -27.17 16.87
CA GLN D 37 -18.22 -28.10 16.87
C GLN D 37 -18.21 -28.96 18.14
N MET D 38 -17.03 -29.28 18.68
CA MET D 38 -16.99 -30.05 19.92
C MET D 38 -17.53 -29.22 21.08
N PHE D 39 -17.20 -27.93 21.11
CA PHE D 39 -17.73 -27.05 22.12
C PHE D 39 -19.23 -26.95 21.99
N ARG D 40 -19.74 -26.79 20.77
CA ARG D 40 -21.18 -26.75 20.53
C ARG D 40 -21.86 -28.01 21.06
N LYS D 41 -21.17 -29.14 21.05
CA LYS D 41 -21.73 -30.42 21.44
C LYS D 41 -21.62 -30.66 22.94
N THR D 42 -20.51 -30.27 23.54
CA THR D 42 -20.17 -30.69 24.89
C THR D 42 -20.11 -29.55 25.89
N GLY D 43 -20.09 -28.30 25.43
CA GLY D 43 -19.98 -27.18 26.34
C GLY D 43 -18.58 -26.91 26.85
N ARG D 44 -17.58 -27.56 26.27
CA ARG D 44 -16.21 -27.45 26.72
C ARG D 44 -15.29 -27.19 25.54
N LEU D 45 -14.39 -26.24 25.72
CA LEU D 45 -13.44 -25.84 24.69
C LEU D 45 -12.11 -26.48 25.04
N ILE D 46 -11.61 -27.33 24.14
CA ILE D 46 -10.36 -28.03 24.34
C ILE D 46 -9.54 -27.91 23.07
N SER D 47 -8.30 -27.44 23.21
CA SER D 47 -7.42 -27.30 22.06
C SER D 47 -6.99 -28.67 21.54
N LEU D 48 -7.02 -28.81 20.22
CA LEU D 48 -6.77 -30.08 19.55
C LEU D 48 -5.41 -30.10 18.87
N SER D 49 -4.91 -31.30 18.62
CA SER D 49 -3.53 -31.52 18.18
C SER D 49 -3.44 -31.46 16.66
N GLU D 50 -2.83 -30.37 16.17
CA GLU D 50 -2.44 -30.28 14.77
C GLU D 50 -1.38 -31.32 14.42
N GLN D 51 -0.45 -31.60 15.34
CA GLN D 51 0.59 -32.57 15.09
C GLN D 51 0.01 -33.97 14.88
N ASN D 52 -0.98 -34.33 15.68
CA ASN D 52 -1.73 -35.56 15.45
C ASN D 52 -2.13 -35.65 14.00
N LEU D 53 -2.61 -34.56 13.41
CA LEU D 53 -3.04 -34.59 12.03
C LEU D 53 -1.85 -34.65 11.07
N VAL D 54 -0.81 -33.83 11.30
CA VAL D 54 0.35 -33.82 10.41
C VAL D 54 0.97 -35.22 10.30
N ASP D 55 1.06 -35.93 11.45
CA ASP D 55 1.79 -37.19 11.49
C ASP D 55 0.97 -38.38 10.99
N CYS D 56 -0.35 -38.31 11.09
CA CYS D 56 -1.20 -39.48 11.01
C CYS D 56 -2.18 -39.50 9.84
N SER D 57 -2.45 -38.37 9.19
CA SER D 57 -3.55 -38.30 8.23
C SER D 57 -3.05 -38.36 6.79
N GLY D 58 -1.84 -38.90 6.58
CA GLY D 58 -1.42 -39.29 5.26
C GLY D 58 -2.35 -40.22 4.53
N PRO D 59 -2.91 -41.21 5.21
CA PRO D 59 -3.79 -42.16 4.50
C PRO D 59 -5.09 -41.53 4.00
N GLN D 60 -5.46 -40.38 4.50
CA GLN D 60 -6.62 -39.66 3.96
C GLN D 60 -6.26 -38.73 2.81
N GLY D 61 -4.97 -38.55 2.52
CA GLY D 61 -4.51 -37.78 1.36
C GLY D 61 -3.69 -36.55 1.74
N ASN D 62 -3.47 -36.27 3.02
CA ASN D 62 -2.63 -35.16 3.42
C ASN D 62 -1.15 -35.51 3.31
N GLU D 63 -0.32 -34.46 3.24
CA GLU D 63 1.11 -34.59 2.98
C GLU D 63 1.90 -33.80 4.02
N GLY D 64 1.46 -33.84 5.26
CA GLY D 64 2.31 -33.34 6.35
C GLY D 64 2.63 -31.86 6.22
N CYS D 65 3.92 -31.54 6.30
CA CYS D 65 4.36 -30.16 6.12
C CYS D 65 4.46 -29.77 4.68
N ASN D 66 3.95 -30.60 3.77
CA ASN D 66 3.90 -30.29 2.34
C ASN D 66 2.49 -29.96 1.89
N GLY D 67 1.56 -29.73 2.81
CA GLY D 67 0.21 -29.36 2.47
C GLY D 67 -0.80 -30.47 2.72
N GLY D 68 -2.06 -30.13 2.51
CA GLY D 68 -3.16 -31.03 2.82
C GLY D 68 -4.48 -30.30 2.69
N LEU D 69 -5.54 -30.98 3.10
CA LEU D 69 -6.89 -30.47 2.97
C LEU D 69 -7.63 -30.66 4.29
N MET D 70 -8.46 -29.66 4.63
CA MET D 70 -9.25 -29.76 5.85
C MET D 70 -10.20 -30.95 5.78
N ASP D 71 -10.81 -31.20 4.61
CA ASP D 71 -11.72 -32.32 4.50
C ASP D 71 -11.00 -33.65 4.75
N TYR D 72 -9.76 -33.77 4.26
CA TYR D 72 -8.96 -34.95 4.54
C TYR D 72 -8.69 -35.07 6.04
N ALA D 73 -8.46 -33.93 6.72
CA ALA D 73 -8.29 -33.97 8.16
C ALA D 73 -9.59 -34.42 8.85
N PHE D 74 -10.75 -33.91 8.40
CA PHE D 74 -12.01 -34.34 9.01
C PHE D 74 -12.24 -35.82 8.76
N GLN D 75 -11.89 -36.27 7.56
CA GLN D 75 -12.03 -37.69 7.25
C GLN D 75 -11.18 -38.53 8.18
N TYR D 76 -9.97 -38.05 8.50
CA TYR D 76 -9.09 -38.82 9.37
C TYR D 76 -9.73 -39.03 10.74
N VAL D 77 -10.29 -37.97 11.31
CA VAL D 77 -10.93 -38.09 12.63
C VAL D 77 -12.03 -39.15 12.60
N GLN D 78 -12.89 -39.11 11.58
CA GLN D 78 -13.91 -40.12 11.42
C GLN D 78 -13.32 -41.52 11.32
N ASP D 79 -12.42 -41.74 10.35
CA ASP D 79 -11.83 -43.06 10.15
C ASP D 79 -11.10 -43.53 11.40
N ASN D 80 -10.38 -42.60 12.04
CA ASN D 80 -9.59 -42.92 13.22
C ASN D 80 -10.43 -43.06 14.49
N GLY D 81 -11.63 -42.49 14.50
CA GLY D 81 -12.43 -42.50 15.72
C GLY D 81 -11.89 -41.66 16.85
N GLY D 82 -11.11 -40.63 16.57
CA GLY D 82 -10.63 -39.74 17.62
C GLY D 82 -9.57 -38.79 17.11
N LEU D 83 -9.23 -37.84 17.98
CA LEU D 83 -8.14 -36.88 17.78
C LEU D 83 -7.65 -36.42 19.15
N ASP D 84 -6.33 -36.45 19.34
CA ASP D 84 -5.79 -36.10 20.65
C ASP D 84 -5.78 -34.59 20.90
N SER D 85 -5.79 -34.23 22.19
CA SER D 85 -5.70 -32.84 22.59
C SER D 85 -4.32 -32.26 22.28
N GLU D 86 -4.29 -30.94 22.12
CA GLU D 86 -3.04 -30.20 21.94
C GLU D 86 -2.04 -30.48 23.05
N GLU D 87 -2.52 -30.50 24.31
CA GLU D 87 -1.63 -30.75 25.46
C GLU D 87 -0.99 -32.14 25.39
N SER D 88 -1.76 -33.14 25.00
CA SER D 88 -1.24 -34.50 25.01
C SER D 88 -0.29 -34.78 23.85
N TYR D 89 -0.43 -34.04 22.74
CA TYR D 89 0.25 -34.31 21.46
C TYR D 89 0.70 -32.98 20.91
N PRO D 90 1.70 -32.37 21.52
CA PRO D 90 2.03 -30.97 21.20
C PRO D 90 2.66 -30.82 19.83
N TYR D 91 2.70 -29.57 19.38
CA TYR D 91 3.08 -29.24 18.01
C TYR D 91 4.58 -29.06 17.86
N GLU D 92 5.15 -29.77 16.89
CA GLU D 92 6.59 -29.78 16.67
C GLU D 92 6.99 -29.05 15.40
N ALA D 93 6.02 -28.68 14.55
CA ALA D 93 6.33 -27.97 13.30
C ALA D 93 7.19 -28.82 12.34
N THR D 94 7.02 -30.13 12.39
CA THR D 94 7.66 -31.00 11.40
C THR D 94 6.91 -32.32 11.37
N GLU D 95 7.18 -33.10 10.32
N GLU D 95 7.17 -33.11 10.32
CA GLU D 95 6.53 -34.40 10.15
CA GLU D 95 6.51 -34.39 10.16
C GLU D 95 7.26 -35.46 10.96
C GLU D 95 7.25 -35.46 10.94
N GLU D 96 6.49 -36.29 11.66
CA GLU D 96 7.06 -37.36 12.46
C GLU D 96 6.15 -38.60 12.34
N SER D 97 6.57 -39.66 13.02
CA SER D 97 5.77 -40.88 13.08
C SER D 97 4.47 -40.58 13.82
N CYS D 98 3.41 -41.28 13.42
CA CYS D 98 2.11 -41.15 14.05
C CYS D 98 2.11 -41.75 15.46
N LYS D 99 1.79 -40.95 16.45
CA LYS D 99 1.81 -41.38 17.84
C LYS D 99 0.44 -41.19 18.51
N TYR D 100 -0.63 -41.29 17.71
CA TYR D 100 -1.98 -41.16 18.25
C TYR D 100 -2.23 -42.14 19.40
N ASN D 101 -2.86 -41.66 20.45
CA ASN D 101 -3.27 -42.48 21.58
C ASN D 101 -4.76 -42.24 21.81
N PRO D 102 -5.62 -43.23 21.58
CA PRO D 102 -7.06 -42.99 21.77
C PRO D 102 -7.46 -42.69 23.21
N LYS D 103 -6.61 -43.02 24.20
CA LYS D 103 -6.93 -42.68 25.57
C LYS D 103 -6.91 -41.18 25.83
N TYR D 104 -6.22 -40.42 24.97
CA TYR D 104 -6.16 -38.98 25.08
C TYR D 104 -6.98 -38.27 24.01
N SER D 105 -7.88 -39.00 23.36
CA SER D 105 -8.76 -38.35 22.39
C SER D 105 -9.81 -37.51 23.11
N VAL D 106 -10.11 -36.33 22.55
CA VAL D 106 -11.11 -35.46 23.14
C VAL D 106 -12.09 -34.98 22.07
N ALA D 107 -11.97 -35.51 20.86
CA ALA D 107 -12.82 -35.06 19.75
C ALA D 107 -13.19 -36.23 18.84
N ASN D 108 -14.22 -36.00 18.03
CA ASN D 108 -14.72 -37.00 17.08
C ASN D 108 -15.52 -36.28 16.02
N ASP D 109 -15.72 -36.95 14.89
CA ASP D 109 -16.70 -36.48 13.91
C ASP D 109 -17.18 -37.64 13.06
N ALA D 110 -18.28 -37.41 12.37
CA ALA D 110 -18.93 -38.41 11.54
C ALA D 110 -18.86 -38.04 10.07
N GLY D 111 -17.83 -37.29 9.68
CA GLY D 111 -17.67 -36.81 8.33
C GLY D 111 -17.65 -35.30 8.29
N PHE D 112 -18.11 -34.75 7.16
CA PHE D 112 -18.04 -33.32 6.95
C PHE D 112 -19.06 -32.90 5.91
N VAL D 113 -19.22 -31.59 5.76
CA VAL D 113 -20.15 -30.99 4.82
C VAL D 113 -19.37 -30.00 3.99
N ASP D 114 -19.46 -30.13 2.67
CA ASP D 114 -18.87 -29.17 1.74
C ASP D 114 -19.92 -28.11 1.40
N ILE D 115 -19.61 -26.85 1.70
CA ILE D 115 -20.51 -25.74 1.44
C ILE D 115 -20.50 -25.40 -0.05
N PRO D 116 -21.65 -25.11 -0.67
CA PRO D 116 -21.62 -24.61 -2.05
C PRO D 116 -20.66 -23.43 -2.19
N LYS D 117 -20.08 -23.31 -3.37
CA LYS D 117 -19.08 -22.27 -3.66
C LYS D 117 -19.79 -20.94 -3.91
N GLN D 118 -20.29 -20.36 -2.82
CA GLN D 118 -21.04 -19.11 -2.90
C GLN D 118 -20.98 -18.42 -1.53
N GLU D 119 -20.69 -17.12 -1.51
CA GLU D 119 -20.49 -16.43 -0.26
C GLU D 119 -21.78 -16.42 0.58
N LYS D 120 -22.95 -16.33 -0.06
CA LYS D 120 -24.21 -16.39 0.67
C LYS D 120 -24.37 -17.73 1.38
N ALA D 121 -24.00 -18.83 0.71
CA ALA D 121 -24.04 -20.12 1.39
C ALA D 121 -23.05 -20.16 2.55
N LEU D 122 -21.88 -19.57 2.37
CA LEU D 122 -20.94 -19.50 3.49
C LEU D 122 -21.55 -18.74 4.66
N MET D 123 -22.19 -17.61 4.38
CA MET D 123 -22.80 -16.82 5.45
C MET D 123 -23.78 -17.66 6.27
N LYS D 124 -24.65 -18.41 5.58
CA LYS D 124 -25.63 -19.23 6.27
C LYS D 124 -24.95 -20.24 7.17
N ALA D 125 -23.87 -20.86 6.69
CA ALA D 125 -23.16 -21.85 7.49
C ALA D 125 -22.49 -21.20 8.71
N VAL D 126 -21.86 -20.03 8.54
CA VAL D 126 -21.24 -19.38 9.67
C VAL D 126 -22.30 -18.95 10.68
N ALA D 127 -23.49 -18.57 10.20
CA ALA D 127 -24.52 -18.04 11.06
C ALA D 127 -25.21 -19.13 11.87
N THR D 128 -25.26 -20.36 11.36
CA THR D 128 -26.03 -21.43 11.98
C THR D 128 -25.19 -22.59 12.49
N VAL D 129 -23.94 -22.73 12.07
CA VAL D 129 -23.12 -23.87 12.42
C VAL D 129 -22.06 -23.50 13.46
N GLY D 130 -21.22 -22.54 13.15
CA GLY D 130 -20.04 -22.25 13.94
C GLY D 130 -18.90 -21.86 13.03
N PRO D 131 -17.71 -21.70 13.56
CA PRO D 131 -16.53 -21.48 12.71
C PRO D 131 -16.45 -22.48 11.56
N ILE D 132 -16.02 -22.00 10.40
CA ILE D 132 -16.02 -22.75 9.15
C ILE D 132 -14.59 -22.75 8.60
N SER D 133 -14.10 -23.94 8.25
CA SER D 133 -12.83 -24.05 7.56
C SER D 133 -12.96 -23.53 6.13
N VAL D 134 -12.06 -22.64 5.72
CA VAL D 134 -12.03 -22.14 4.34
C VAL D 134 -10.59 -22.01 3.86
N ALA D 135 -10.43 -21.96 2.56
CA ALA D 135 -9.12 -21.72 1.96
C ALA D 135 -9.14 -20.40 1.20
N ILE D 136 -8.07 -19.65 1.32
CA ILE D 136 -7.94 -18.36 0.63
C ILE D 136 -6.63 -18.34 -0.18
N ASP D 137 -6.54 -17.35 -1.08
CA ASP D 137 -5.30 -17.00 -1.76
C ASP D 137 -4.56 -16.02 -0.87
N ALA D 138 -3.44 -16.48 -0.30
CA ALA D 138 -2.68 -15.68 0.66
C ALA D 138 -1.31 -15.29 0.16
N GLY D 139 -0.97 -15.59 -1.08
CA GLY D 139 0.39 -15.46 -1.55
C GLY D 139 0.72 -14.05 -2.02
N HIS D 140 0.53 -13.06 -1.16
CA HIS D 140 0.82 -11.68 -1.48
C HIS D 140 1.42 -10.98 -0.27
N GLU D 141 2.34 -10.04 -0.56
CA GLU D 141 3.00 -9.27 0.48
C GLU D 141 1.99 -8.54 1.35
N SER D 142 0.89 -8.08 0.76
CA SER D 142 -0.10 -7.31 1.49
C SER D 142 -0.77 -8.17 2.56
N PHE D 143 -0.86 -9.48 2.32
CA PHE D 143 -1.40 -10.36 3.36
C PHE D 143 -0.38 -10.58 4.47
N LEU D 144 0.88 -10.76 4.10
CA LEU D 144 1.90 -10.98 5.11
C LEU D 144 1.97 -9.82 6.08
N PHE D 145 1.88 -8.59 5.56
CA PHE D 145 2.08 -7.39 6.37
C PHE D 145 0.75 -6.77 6.83
N TYR D 146 -0.34 -7.47 6.67
CA TYR D 146 -1.65 -6.94 7.04
C TYR D 146 -1.67 -6.55 8.52
N LYS D 147 -2.27 -5.38 8.79
CA LYS D 147 -2.34 -4.87 10.16
C LYS D 147 -3.77 -4.57 10.61
N GLU D 148 -4.57 -3.93 9.77
CA GLU D 148 -5.97 -3.65 10.10
C GLU D 148 -6.73 -3.27 8.84
N GLY D 149 -8.04 -3.15 8.99
CA GLY D 149 -8.91 -2.83 7.87
C GLY D 149 -9.50 -4.08 7.23
N ILE D 150 -10.34 -3.85 6.21
CA ILE D 150 -10.95 -4.94 5.46
C ILE D 150 -9.98 -5.28 4.33
N TYR D 151 -9.37 -6.44 4.41
CA TYR D 151 -8.32 -6.79 3.45
C TYR D 151 -8.90 -6.97 2.05
N PHE D 152 -8.24 -6.37 1.07
CA PHE D 152 -8.57 -6.52 -0.33
C PHE D 152 -7.25 -6.49 -1.08
N GLU D 153 -7.06 -7.42 -2.00
CA GLU D 153 -5.82 -7.51 -2.77
C GLU D 153 -6.18 -7.56 -4.26
N PRO D 154 -5.71 -6.61 -5.06
CA PRO D 154 -6.09 -6.60 -6.49
C PRO D 154 -5.75 -7.88 -7.23
N ASP D 155 -4.65 -8.55 -6.87
CA ASP D 155 -4.20 -9.74 -7.56
C ASP D 155 -4.71 -11.02 -6.91
N CYS D 156 -5.64 -10.94 -5.97
CA CYS D 156 -6.16 -12.13 -5.32
C CYS D 156 -6.98 -12.98 -6.29
N SER D 157 -6.82 -14.29 -6.18
CA SER D 157 -7.46 -15.24 -7.06
C SER D 157 -8.58 -15.95 -6.32
N SER D 158 -9.69 -16.16 -7.02
CA SER D 158 -10.81 -16.90 -6.46
C SER D 158 -10.73 -18.38 -6.80
N GLU D 159 -9.75 -18.78 -7.58
CA GLU D 159 -9.58 -20.16 -8.03
C GLU D 159 -8.31 -20.82 -7.51
N ASP D 160 -7.28 -20.05 -7.22
CA ASP D 160 -5.99 -20.60 -6.80
C ASP D 160 -5.73 -20.21 -5.35
N MET D 161 -6.56 -20.74 -4.45
CA MET D 161 -6.33 -20.59 -3.03
C MET D 161 -5.18 -21.50 -2.60
N ASP D 162 -4.42 -21.05 -1.61
CA ASP D 162 -3.24 -21.78 -1.18
C ASP D 162 -3.05 -21.79 0.34
N HIS D 163 -4.03 -21.29 1.10
CA HIS D 163 -3.84 -21.14 2.54
C HIS D 163 -5.15 -21.39 3.28
N GLY D 164 -5.17 -22.40 4.13
CA GLY D 164 -6.38 -22.71 4.88
C GLY D 164 -6.47 -21.87 6.15
N VAL D 165 -7.66 -21.31 6.40
CA VAL D 165 -7.89 -20.48 7.58
C VAL D 165 -9.27 -20.78 8.10
N LEU D 166 -9.68 -20.07 9.17
CA LEU D 166 -10.95 -20.32 9.85
C LEU D 166 -11.79 -19.06 9.93
N VAL D 167 -13.00 -19.10 9.37
CA VAL D 167 -13.94 -17.98 9.41
C VAL D 167 -14.73 -18.12 10.70
N VAL D 168 -14.52 -17.17 11.64
CA VAL D 168 -15.18 -17.19 12.95
C VAL D 168 -16.32 -16.19 13.07
N GLY D 169 -16.59 -15.40 12.04
CA GLY D 169 -17.71 -14.49 12.06
C GLY D 169 -17.76 -13.60 10.84
N TYR D 170 -18.52 -12.52 10.97
CA TYR D 170 -18.68 -11.56 9.88
C TYR D 170 -19.45 -10.36 10.40
N GLY D 171 -19.38 -9.27 9.66
CA GLY D 171 -20.12 -8.08 10.02
C GLY D 171 -19.89 -6.99 8.98
N PHE D 172 -20.26 -5.78 9.35
CA PHE D 172 -20.05 -4.64 8.49
C PHE D 172 -19.54 -3.47 9.34
N GLU D 173 -19.04 -2.45 8.66
CA GLU D 173 -18.55 -1.24 9.31
C GLU D 173 -19.64 -0.17 9.27
N ASP D 178 -20.51 1.06 0.67
CA ASP D 178 -21.19 0.11 -0.22
C ASP D 178 -20.53 -1.26 -0.16
N ASN D 179 -19.23 -1.27 0.12
CA ASN D 179 -18.49 -2.50 0.33
C ASN D 179 -17.95 -2.56 1.75
N ASN D 180 -18.82 -2.38 2.75
CA ASN D 180 -18.40 -2.32 4.14
C ASN D 180 -18.49 -3.66 4.88
N LYS D 181 -18.77 -4.74 4.19
CA LYS D 181 -18.89 -6.04 4.86
C LYS D 181 -17.57 -6.80 4.84
N TYR D 182 -17.39 -7.65 5.86
CA TYR D 182 -16.15 -8.40 5.97
C TYR D 182 -16.40 -9.73 6.64
N TRP D 183 -15.51 -10.66 6.36
CA TRP D 183 -15.40 -11.92 7.08
C TRP D 183 -14.34 -11.78 8.15
N LEU D 184 -14.63 -12.27 9.35
CA LEU D 184 -13.67 -12.31 10.44
C LEU D 184 -12.94 -13.65 10.42
N VAL D 185 -11.62 -13.61 10.22
CA VAL D 185 -10.84 -14.78 9.84
C VAL D 185 -9.70 -14.98 10.82
N LYS D 186 -9.60 -16.18 11.36
CA LYS D 186 -8.48 -16.57 12.22
C LYS D 186 -7.37 -17.22 11.39
N ASN D 187 -6.14 -16.76 11.57
CA ASN D 187 -4.95 -17.27 10.91
C ASN D 187 -4.17 -18.11 11.92
N SER D 188 -3.19 -18.83 11.40
CA SER D 188 -2.31 -19.63 12.25
C SER D 188 -0.85 -19.19 12.11
N TRP D 189 -0.62 -17.88 12.09
CA TRP D 189 0.73 -17.33 11.98
C TRP D 189 1.13 -16.60 13.27
N GLY D 190 0.51 -16.97 14.37
CA GLY D 190 0.76 -16.31 15.64
C GLY D 190 -0.03 -15.03 15.82
N GLU D 191 -0.09 -14.55 17.06
CA GLU D 191 -0.90 -13.37 17.34
C GLU D 191 -0.16 -12.08 16.99
N GLU D 192 1.15 -12.15 16.72
CA GLU D 192 1.88 -10.97 16.28
C GLU D 192 1.55 -10.60 14.84
N TRP D 193 0.96 -11.52 14.08
CA TRP D 193 0.51 -11.24 12.71
C TRP D 193 -0.87 -10.64 12.73
N GLY D 194 -1.13 -9.72 11.78
CA GLY D 194 -2.42 -9.07 11.66
C GLY D 194 -2.88 -8.42 12.94
N MET D 195 -4.19 -8.54 13.19
CA MET D 195 -4.85 -7.94 14.36
C MET D 195 -5.06 -9.05 15.39
N GLY D 196 -4.06 -9.24 16.26
CA GLY D 196 -4.09 -10.37 17.18
C GLY D 196 -4.18 -11.71 16.49
N GLY D 197 -3.66 -11.83 15.25
CA GLY D 197 -3.67 -13.07 14.52
C GLY D 197 -4.89 -13.25 13.63
N TYR D 198 -5.75 -12.25 13.58
CA TYR D 198 -6.97 -12.24 12.80
C TYR D 198 -6.86 -11.28 11.63
N VAL D 199 -7.74 -11.48 10.68
CA VAL D 199 -7.84 -10.57 9.54
C VAL D 199 -9.31 -10.37 9.16
N LYS D 200 -9.67 -9.14 8.83
CA LYS D 200 -10.98 -8.88 8.24
C LYS D 200 -10.80 -8.94 6.73
N MET D 201 -11.55 -9.82 6.06
N MET D 201 -11.55 -9.83 6.07
CA MET D 201 -11.42 -9.98 4.62
CA MET D 201 -11.44 -10.04 4.62
C MET D 201 -12.68 -9.54 3.89
C MET D 201 -12.68 -9.51 3.91
N ALA D 202 -12.47 -8.94 2.72
CA ALA D 202 -13.57 -8.42 1.92
C ALA D 202 -14.66 -9.48 1.73
N LYS D 203 -15.89 -9.08 2.09
CA LYS D 203 -17.06 -9.93 1.99
C LYS D 203 -18.00 -9.41 0.91
N ASP D 204 -18.66 -10.34 0.22
CA ASP D 204 -19.59 -10.01 -0.85
C ASP D 204 -18.95 -9.12 -1.91
N ARG D 205 -17.67 -9.33 -2.19
CA ARG D 205 -17.01 -8.76 -3.35
C ARG D 205 -16.73 -9.87 -4.37
N ARG D 206 -17.74 -10.68 -4.67
CA ARG D 206 -17.62 -11.75 -5.66
C ARG D 206 -16.53 -12.79 -5.29
N ASN D 207 -16.62 -13.29 -4.06
CA ASN D 207 -15.75 -14.39 -3.61
C ASN D 207 -14.28 -13.98 -3.63
N HIS D 208 -13.99 -12.83 -3.05
CA HIS D 208 -12.64 -12.30 -3.08
C HIS D 208 -11.65 -13.26 -2.39
N CYS D 209 -10.50 -13.44 -3.00
CA CYS D 209 -9.50 -14.38 -2.56
C CYS D 209 -10.03 -15.78 -2.40
N GLY D 210 -11.17 -16.11 -3.00
CA GLY D 210 -11.65 -17.48 -3.03
C GLY D 210 -12.21 -17.98 -1.70
N ILE D 211 -12.67 -17.08 -0.84
CA ILE D 211 -12.96 -17.46 0.54
C ILE D 211 -14.10 -18.48 0.60
N ALA D 212 -15.00 -18.48 -0.38
CA ALA D 212 -16.11 -19.43 -0.43
C ALA D 212 -15.88 -20.59 -1.38
N SER D 213 -14.69 -20.70 -1.96
CA SER D 213 -14.46 -21.73 -2.97
C SER D 213 -14.21 -23.12 -2.38
N ALA D 214 -13.71 -23.20 -1.16
CA ALA D 214 -13.42 -24.49 -0.54
C ALA D 214 -13.72 -24.45 0.97
N ALA D 215 -14.98 -24.16 1.29
CA ALA D 215 -15.45 -24.07 2.65
C ALA D 215 -16.13 -25.36 3.09
N SER D 216 -15.86 -25.79 4.33
CA SER D 216 -16.46 -27.01 4.86
C SER D 216 -16.39 -27.02 6.40
N TYR D 217 -17.12 -27.94 6.99
CA TYR D 217 -17.08 -28.13 8.43
C TYR D 217 -17.35 -29.58 8.77
N PRO D 218 -16.84 -30.05 9.90
CA PRO D 218 -17.06 -31.44 10.30
C PRO D 218 -18.41 -31.63 10.98
N THR D 219 -18.98 -32.82 10.78
CA THR D 219 -20.25 -33.18 11.38
C THR D 219 -19.98 -33.90 12.70
N VAL D 220 -20.49 -33.34 13.79
CA VAL D 220 -20.29 -33.95 15.11
C VAL D 220 -21.63 -34.38 15.66
#